data_5A9F
#
_entry.id   5A9F
#
_cell.length_a   115.767
_cell.length_b   133.740
_cell.length_c   162.697
_cell.angle_alpha   90.00
_cell.angle_beta   90.00
_cell.angle_gamma   90.00
#
_symmetry.space_group_name_H-M   'I 2 2 2'
#
loop_
_entity.id
_entity.type
_entity.pdbx_description
1 polymer 'DNA POLYMERASE THETA'
2 non-polymer "ADENOSINE-5'-DIPHOSPHATE"
3 non-polymer 'POTASSIUM ION'
4 non-polymer 'MAGNESIUM ION'
#
_entity_poly.entity_id   1
_entity_poly.type   'polypeptide(L)'
_entity_poly.pdbx_seq_one_letter_code
;SMDKLLLANWGLPKAVLEKYHSFGVKKMFEWQAECLLLGQVLEGKNLVYSAPTSAGKTLVAELLILKRVLEMRKKALFIL
PFVSVAKEKKYYLQSLFQEVGIKVDGYMGSTSPSRHFSSLDIAVCTIERANGLINRLIEENKMDLLGMVVVDELHMLGDS
HRGYLLELLLTKICYITRKSASCQADLASSLSNAVQIVGMSATLPNLELVASWLNAELYHTDFRPVPLLESVKVGNSIYD
SSMKLVREFEPMLQVKGDEDHVVSLCYETICDNHSVLLFCPSKKWCEKLADIIAREFYNLHHQAEGLVKPSECPPVILEQ
KELLEVMDQLRRLPSGLDSVLQKTVPWGVAFHHAGLTFEERDIIEGAFRQGLIRVLAATSTLSSGVNLPARRVIIRTPIF
GGRPLDILTYKQMVGRAGRKGVDTVGESILICKNSEKSKGIALLQGSLKPVRSCLQRREGEEVTGSMIRAILEIIVGGVA
STSQDMHTYAACTFLAASMKEGKQGIQRNQESVQLGAIEACVMWLLENEFIQSTEASDGTEGKVYHPTHLGSATLSSSLS
PADTLDIFADLQRAMKGFVLENDLHILYLVTPMFEDWTTIDWYRFFCLWEKLPTSMKRVAELVGVEEGFLARCVKGKVVA
RTERQHRQMAIHKRFFTSLVLLDLISEVPLREINQKYGCNRGQIQSLQQSAAVYAGMITVFSNRLGWHNMELLLSQFQKR
LTFGIQRELCDLVRVSLLNAQRARVLYASGFHTVADLARANIVEVEVILKNAVPFKSARKAVDEEEEAVEERRNMRTIWV
TGRKGLTEREAAALIVEEARMILQQDLVEM
;
_entity_poly.pdbx_strand_id   A
#
# COMPACT_ATOMS: atom_id res chain seq x y z
N ASP A 3 16.96 -31.49 17.77
CA ASP A 3 18.30 -31.50 18.32
C ASP A 3 19.20 -30.49 17.63
N LYS A 4 19.48 -30.72 16.35
CA LYS A 4 20.33 -29.80 15.58
C LYS A 4 19.67 -28.50 15.10
N LEU A 5 18.34 -28.47 15.01
CA LEU A 5 17.66 -27.26 14.59
C LEU A 5 17.31 -26.41 15.79
N LEU A 6 17.96 -26.69 16.91
CA LEU A 6 17.81 -25.85 18.08
C LEU A 6 18.59 -24.59 17.78
N LEU A 7 17.94 -23.45 18.01
CA LEU A 7 18.44 -22.14 17.59
C LEU A 7 19.76 -21.79 18.29
N ALA A 8 20.02 -22.45 19.41
CA ALA A 8 21.23 -22.17 20.17
C ALA A 8 22.49 -22.80 19.52
N ASN A 9 22.34 -23.70 18.56
CA ASN A 9 23.49 -24.36 17.92
C ASN A 9 23.92 -23.68 16.61
N TRP A 10 23.38 -22.51 16.30
CA TRP A 10 23.75 -21.91 15.02
C TRP A 10 24.76 -20.78 15.10
N GLY A 11 25.45 -20.65 16.22
CA GLY A 11 26.44 -19.60 16.34
C GLY A 11 25.82 -18.20 16.32
N LEU A 12 24.58 -18.12 16.80
CA LEU A 12 23.79 -16.89 16.92
C LEU A 12 24.31 -15.88 17.93
N PRO A 13 24.39 -14.60 17.53
CA PRO A 13 24.79 -13.69 18.63
C PRO A 13 23.78 -13.72 19.79
N LYS A 14 24.31 -13.67 21.01
CA LYS A 14 23.49 -13.80 22.22
C LYS A 14 22.39 -12.74 22.41
N ALA A 15 22.76 -11.51 22.07
CA ALA A 15 21.93 -10.32 22.19
C ALA A 15 20.66 -10.37 21.34
N VAL A 16 20.77 -10.99 20.18
CA VAL A 16 19.71 -11.14 19.19
C VAL A 16 18.81 -12.35 19.47
N LEU A 17 19.41 -13.41 20.00
CA LEU A 17 18.74 -14.67 20.28
C LEU A 17 17.55 -14.49 21.25
N GLU A 18 17.68 -13.57 22.19
CA GLU A 18 16.63 -13.26 23.16
C GLU A 18 15.46 -12.44 22.61
N LYS A 19 15.72 -11.51 21.70
CA LYS A 19 14.67 -10.70 21.07
C LYS A 19 13.64 -11.57 20.31
N TYR A 20 14.12 -12.67 19.75
CA TYR A 20 13.30 -13.68 19.08
C TYR A 20 12.44 -14.48 20.07
N HIS A 21 13.06 -14.86 21.18
CA HIS A 21 12.43 -15.65 22.24
C HIS A 21 11.38 -14.87 23.04
N SER A 22 11.22 -13.59 22.73
CA SER A 22 10.25 -12.74 23.41
C SER A 22 8.86 -13.36 23.26
N PHE A 23 8.53 -13.84 22.07
CA PHE A 23 7.26 -14.54 21.88
C PHE A 23 7.53 -15.72 20.94
N GLY A 24 7.63 -16.91 21.53
CA GLY A 24 7.95 -18.15 20.85
C GLY A 24 9.36 -18.25 20.27
N VAL A 25 9.49 -18.90 19.11
CA VAL A 25 10.78 -19.04 18.40
C VAL A 25 12.00 -19.56 19.21
N LYS A 26 11.93 -20.82 19.62
CA LYS A 26 13.03 -21.49 20.32
C LYS A 26 13.65 -22.51 19.36
N LYS A 27 12.79 -23.10 18.54
CA LYS A 27 13.17 -24.06 17.51
C LYS A 27 12.59 -23.56 16.20
N MET A 28 13.14 -24.04 15.10
CA MET A 28 12.66 -23.67 13.78
C MET A 28 11.67 -24.69 13.23
N PHE A 29 11.69 -24.86 11.91
CA PHE A 29 10.88 -25.86 11.23
C PHE A 29 11.74 -26.78 10.39
N GLU A 30 11.16 -27.90 9.95
CA GLU A 30 11.88 -28.85 9.13
C GLU A 30 12.33 -28.18 7.83
N TRP A 31 11.46 -27.38 7.23
CA TRP A 31 11.76 -26.74 5.95
C TRP A 31 12.69 -25.53 6.02
N GLN A 32 12.68 -24.82 7.15
CA GLN A 32 13.51 -23.64 7.31
C GLN A 32 15.01 -23.93 7.46
N ALA A 33 15.33 -25.05 8.09
CA ALA A 33 16.72 -25.46 8.28
C ALA A 33 17.29 -25.98 6.97
N GLU A 34 16.45 -26.67 6.21
CA GLU A 34 16.84 -27.25 4.92
C GLU A 34 16.97 -26.17 3.85
N CYS A 35 16.24 -25.07 4.04
CA CYS A 35 16.20 -23.97 3.09
C CYS A 35 17.49 -23.17 3.18
N LEU A 36 18.14 -23.26 4.32
CA LEU A 36 19.37 -22.54 4.62
C LEU A 36 20.60 -23.38 4.29
N LEU A 37 20.57 -24.65 4.67
CA LEU A 37 21.75 -25.51 4.56
C LEU A 37 22.05 -26.00 3.14
N LEU A 38 21.03 -26.42 2.39
CA LEU A 38 21.27 -26.96 1.05
C LEU A 38 21.75 -25.95 0.01
N GLY A 39 22.96 -26.20 -0.51
CA GLY A 39 23.57 -25.36 -1.51
C GLY A 39 24.60 -24.40 -0.96
N GLN A 40 24.86 -23.30 -1.67
CA GLN A 40 25.83 -22.33 -1.19
C GLN A 40 25.10 -21.03 -0.83
N VAL A 41 23.86 -21.20 -0.35
CA VAL A 41 22.96 -20.11 0.04
C VAL A 41 23.48 -19.24 1.18
N LEU A 42 23.99 -19.89 2.22
CA LEU A 42 24.49 -19.18 3.39
C LEU A 42 25.82 -18.49 3.12
N GLU A 43 26.39 -18.77 1.96
CA GLU A 43 27.67 -18.15 1.56
C GLU A 43 27.38 -16.84 0.85
N GLY A 44 26.23 -16.76 0.20
CA GLY A 44 25.86 -15.54 -0.50
C GLY A 44 25.13 -15.81 -1.79
N LYS A 45 24.99 -17.08 -2.15
CA LYS A 45 24.32 -17.48 -3.38
C LYS A 45 22.86 -17.02 -3.29
N ASN A 46 22.31 -16.63 -4.42
CA ASN A 46 20.91 -16.20 -4.48
C ASN A 46 19.96 -17.34 -4.19
N LEU A 47 18.82 -16.98 -3.62
CA LEU A 47 17.83 -17.97 -3.19
C LEU A 47 16.41 -17.54 -3.55
N VAL A 48 15.67 -18.47 -4.13
CA VAL A 48 14.26 -18.28 -4.42
C VAL A 48 13.50 -19.41 -3.78
N TYR A 49 12.72 -19.12 -2.74
CA TYR A 49 12.02 -20.18 -2.04
C TYR A 49 10.52 -19.91 -1.96
N SER A 50 9.74 -20.98 -1.94
CA SER A 50 8.29 -20.89 -1.86
C SER A 50 7.79 -21.72 -0.70
N ALA A 51 6.75 -21.23 -0.05
CA ALA A 51 6.12 -21.92 1.05
C ALA A 51 4.69 -21.45 1.18
N PRO A 52 3.81 -22.30 1.72
CA PRO A 52 2.42 -21.87 1.94
C PRO A 52 2.34 -20.68 2.89
N THR A 53 1.26 -19.93 2.81
CA THR A 53 1.07 -18.76 3.66
C THR A 53 1.00 -19.19 5.11
N SER A 54 1.49 -18.33 6.01
CA SER A 54 1.56 -18.60 7.44
C SER A 54 2.40 -19.84 7.74
N ALA A 55 3.57 -19.94 7.12
CA ALA A 55 4.45 -21.08 7.35
C ALA A 55 5.79 -20.67 7.94
N GLY A 56 6.06 -19.37 7.95
CA GLY A 56 7.28 -18.87 8.57
C GLY A 56 8.32 -18.39 7.58
N LYS A 57 7.87 -17.82 6.47
CA LYS A 57 8.76 -17.31 5.44
C LYS A 57 9.59 -16.13 5.93
N THR A 58 9.09 -15.42 6.93
CA THR A 58 9.78 -14.22 7.42
C THR A 58 11.08 -14.55 8.14
N LEU A 59 11.09 -15.59 8.96
CA LEU A 59 12.27 -15.94 9.73
C LEU A 59 13.48 -16.27 8.84
N VAL A 60 13.21 -16.98 7.75
CA VAL A 60 14.26 -17.36 6.79
C VAL A 60 15.00 -16.18 6.18
N ALA A 61 14.26 -15.16 5.76
CA ALA A 61 14.84 -13.96 5.18
C ALA A 61 15.61 -13.14 6.21
N GLU A 62 15.04 -13.00 7.39
CA GLU A 62 15.62 -12.22 8.48
C GLU A 62 17.00 -12.74 8.90
N LEU A 63 17.16 -14.05 8.97
CA LEU A 63 18.44 -14.65 9.35
C LEU A 63 19.48 -14.41 8.27
N LEU A 64 19.02 -14.31 7.03
CA LEU A 64 19.90 -14.07 5.88
C LEU A 64 20.28 -12.61 5.79
N ILE A 65 19.35 -11.72 6.15
CA ILE A 65 19.64 -10.30 6.14
C ILE A 65 20.65 -9.96 7.23
N LEU A 66 20.41 -10.45 8.43
CA LEU A 66 21.34 -10.25 9.54
C LEU A 66 22.70 -10.87 9.22
N LYS A 67 22.67 -11.94 8.42
CA LYS A 67 23.87 -12.65 7.97
C LYS A 67 24.75 -11.80 7.06
N ARG A 68 24.20 -10.72 6.51
CA ARG A 68 24.98 -9.92 5.57
C ARG A 68 25.28 -8.57 6.21
N VAL A 69 24.32 -8.03 6.95
CA VAL A 69 24.52 -6.72 7.57
C VAL A 69 25.68 -6.81 8.57
N LEU A 70 25.75 -7.90 9.32
CA LEU A 70 26.78 -8.06 10.34
C LEU A 70 28.06 -8.77 9.86
N GLU A 71 27.94 -9.64 8.86
CA GLU A 71 29.10 -10.38 8.36
C GLU A 71 29.82 -9.59 7.29
N MET A 72 29.08 -8.94 6.41
CA MET A 72 29.68 -8.21 5.29
C MET A 72 29.70 -6.70 5.61
N ARG A 73 29.02 -6.30 6.68
CA ARG A 73 28.94 -4.90 7.09
C ARG A 73 28.43 -4.04 5.93
N LYS A 74 27.42 -4.56 5.24
CA LYS A 74 26.79 -3.88 4.11
C LYS A 74 25.30 -3.61 4.36
N LYS A 75 24.71 -2.79 3.50
CA LYS A 75 23.33 -2.36 3.65
C LYS A 75 22.34 -3.24 2.86
N ALA A 76 21.18 -3.49 3.45
CA ALA A 76 20.16 -4.36 2.86
C ALA A 76 18.92 -3.61 2.36
N LEU A 77 18.20 -4.21 1.42
CA LEU A 77 16.98 -3.60 0.86
C LEU A 77 15.77 -4.53 0.91
N PHE A 78 14.74 -4.13 1.65
CA PHE A 78 13.51 -4.92 1.77
C PHE A 78 12.38 -4.29 0.97
N ILE A 79 11.88 -5.03 -0.02
CA ILE A 79 10.86 -4.52 -0.93
C ILE A 79 9.47 -5.13 -0.76
N LEU A 80 8.47 -4.28 -0.53
CA LEU A 80 7.10 -4.73 -0.31
C LEU A 80 6.12 -4.04 -1.27
N PRO A 81 5.00 -4.71 -1.60
CA PRO A 81 4.09 -4.20 -2.63
C PRO A 81 3.29 -2.94 -2.29
N PHE A 82 2.73 -2.86 -1.08
CA PHE A 82 1.86 -1.75 -0.71
C PHE A 82 2.41 -0.91 0.44
N VAL A 83 1.96 0.33 0.54
CA VAL A 83 2.42 1.22 1.61
C VAL A 83 1.99 0.70 2.98
N SER A 84 0.81 0.08 3.03
CA SER A 84 0.26 -0.42 4.29
C SER A 84 1.02 -1.63 4.80
N VAL A 85 1.37 -2.55 3.91
CA VAL A 85 2.14 -3.73 4.28
C VAL A 85 3.62 -3.39 4.47
N ALA A 86 4.05 -2.28 3.87
CA ALA A 86 5.43 -1.82 4.00
C ALA A 86 5.63 -1.18 5.36
N LYS A 87 4.62 -0.43 5.80
CA LYS A 87 4.67 0.22 7.10
C LYS A 87 4.60 -0.81 8.22
N GLU A 88 3.81 -1.87 8.00
CA GLU A 88 3.67 -2.93 8.98
C GLU A 88 5.01 -3.65 9.17
N LYS A 89 5.73 -3.84 8.06
CA LYS A 89 7.02 -4.54 8.07
C LYS A 89 8.17 -3.74 8.68
N LYS A 90 8.12 -2.42 8.52
CA LYS A 90 9.14 -1.53 9.06
C LYS A 90 9.22 -1.65 10.59
N TYR A 91 8.08 -1.49 11.25
CA TYR A 91 7.99 -1.52 12.69
C TYR A 91 8.34 -2.89 13.26
N TYR A 92 8.03 -3.93 12.50
CA TYR A 92 8.31 -5.30 12.90
C TYR A 92 9.81 -5.53 12.88
N LEU A 93 10.47 -4.89 11.90
CA LEU A 93 11.92 -5.01 11.76
C LEU A 93 12.65 -4.04 12.67
N GLN A 94 12.04 -2.89 12.96
CA GLN A 94 12.66 -1.95 13.87
C GLN A 94 12.77 -2.58 15.26
N SER A 95 11.68 -3.23 15.68
CA SER A 95 11.65 -3.82 17.01
C SER A 95 12.69 -4.94 17.19
N LEU A 96 13.02 -5.65 16.11
CA LEU A 96 13.97 -6.76 16.22
C LEU A 96 15.44 -6.34 16.13
N PHE A 97 15.69 -5.27 15.38
CA PHE A 97 17.05 -4.88 15.04
C PHE A 97 17.36 -3.54 15.70
N GLN A 98 17.48 -3.56 17.02
CA GLN A 98 17.76 -2.37 17.82
C GLN A 98 18.68 -2.64 19.01
N GLU A 99 18.82 -3.91 19.37
CA GLU A 99 19.64 -4.29 20.52
C GLU A 99 21.11 -4.33 20.19
N VAL A 100 21.43 -4.23 18.91
CA VAL A 100 22.82 -4.26 18.44
C VAL A 100 23.18 -2.95 17.76
N GLY A 101 22.42 -1.88 18.03
CA GLY A 101 22.72 -0.59 17.44
C GLY A 101 22.58 -0.49 15.93
N ILE A 102 21.60 -1.20 15.38
CA ILE A 102 21.34 -1.20 13.94
C ILE A 102 20.16 -0.31 13.52
N LYS A 103 20.46 0.83 12.90
CA LYS A 103 19.46 1.83 12.48
C LYS A 103 18.63 1.40 11.26
N VAL A 104 17.31 1.29 11.42
CA VAL A 104 16.45 0.88 10.30
C VAL A 104 15.26 1.81 9.98
N ASP A 105 15.28 2.43 8.79
CA ASP A 105 14.18 3.30 8.34
C ASP A 105 13.60 2.85 6.99
N GLY A 106 12.76 3.69 6.40
CA GLY A 106 12.04 3.34 5.19
C GLY A 106 11.80 4.44 4.14
N TYR A 107 11.76 4.03 2.87
CA TYR A 107 11.47 4.90 1.73
C TYR A 107 10.16 4.41 1.10
N MET A 108 9.03 4.95 1.55
CA MET A 108 7.70 4.44 1.16
C MET A 108 6.71 5.48 0.63
N GLY A 109 6.25 5.27 -0.60
CA GLY A 109 5.24 6.13 -1.20
C GLY A 109 5.60 7.60 -1.22
N SER A 110 5.01 8.41 -0.38
CA SER A 110 5.34 9.84 -0.41
C SER A 110 6.34 10.22 0.70
N THR A 111 6.50 9.32 1.65
CA THR A 111 7.40 9.43 2.81
C THR A 111 8.89 9.37 2.39
N SER A 112 9.76 9.93 3.23
CA SER A 112 11.22 9.90 3.02
C SER A 112 11.96 9.97 4.37
N PRO A 113 13.06 9.20 4.52
CA PRO A 113 13.91 9.17 5.72
C PRO A 113 14.70 10.45 6.01
N SER A 114 14.68 10.82 7.30
CA SER A 114 15.38 11.95 7.88
C SER A 114 16.88 11.69 7.83
N ARG A 115 17.25 10.42 7.99
CA ARG A 115 18.63 9.99 8.00
C ARG A 115 19.12 9.67 6.60
N HIS A 116 20.40 9.92 6.38
CA HIS A 116 21.08 9.67 5.12
C HIS A 116 21.14 8.18 4.85
N PHE A 117 21.25 7.81 3.57
CA PHE A 117 21.30 6.42 3.18
C PHE A 117 22.58 5.79 3.74
N SER A 118 23.57 6.64 3.98
CA SER A 118 24.85 6.22 4.53
C SER A 118 24.71 5.87 6.00
N SER A 119 23.68 6.40 6.65
CA SER A 119 23.53 6.13 8.08
C SER A 119 22.36 5.21 8.39
N LEU A 120 22.16 4.24 7.50
CA LEU A 120 21.12 3.23 7.65
C LEU A 120 21.81 1.88 7.58
N ASP A 121 21.03 0.82 7.72
CA ASP A 121 21.55 -0.54 7.58
C ASP A 121 20.58 -1.26 6.66
N ILE A 122 19.30 -1.08 6.94
CA ILE A 122 18.21 -1.69 6.19
C ILE A 122 17.17 -0.65 5.79
N ALA A 123 16.97 -0.48 4.49
CA ALA A 123 15.96 0.45 3.98
C ALA A 123 14.76 -0.33 3.46
N VAL A 124 13.59 -0.02 3.99
CA VAL A 124 12.34 -0.63 3.55
C VAL A 124 11.58 0.24 2.57
N CYS A 125 11.32 -0.32 1.38
CA CYS A 125 10.74 0.46 0.28
C CYS A 125 9.55 -0.24 -0.36
N THR A 126 8.75 0.51 -1.11
CA THR A 126 7.78 -0.08 -2.01
C THR A 126 8.45 -0.31 -3.36
N ILE A 127 7.72 -0.83 -4.33
CA ILE A 127 8.33 -1.13 -5.62
C ILE A 127 8.76 0.11 -6.39
N GLU A 128 7.89 1.13 -6.46
CA GLU A 128 8.18 2.36 -7.17
C GLU A 128 9.36 3.11 -6.56
N ARG A 129 9.34 3.21 -5.24
CA ARG A 129 10.34 3.95 -4.49
C ARG A 129 11.70 3.24 -4.50
N ALA A 130 11.67 1.91 -4.47
CA ALA A 130 12.90 1.11 -4.52
C ALA A 130 13.63 1.26 -5.85
N ASN A 131 12.86 1.20 -6.94
CA ASN A 131 13.39 1.34 -8.28
C ASN A 131 14.04 2.71 -8.51
N GLY A 132 13.51 3.74 -7.88
CA GLY A 132 14.06 5.09 -7.96
C GLY A 132 15.36 5.18 -7.18
N LEU A 133 15.37 4.54 -6.02
CA LEU A 133 16.52 4.51 -5.12
C LEU A 133 17.70 3.79 -5.80
N ILE A 134 17.39 2.73 -6.53
CA ILE A 134 18.40 1.99 -7.30
C ILE A 134 19.04 2.95 -8.32
N ASN A 135 18.19 3.69 -9.01
CA ASN A 135 18.59 4.71 -9.99
C ASN A 135 19.44 5.80 -9.34
N ARG A 136 19.18 6.07 -8.06
CA ARG A 136 19.93 7.02 -7.27
C ARG A 136 21.36 6.52 -7.14
N LEU A 137 21.47 5.21 -6.90
CA LEU A 137 22.76 4.54 -6.75
C LEU A 137 23.58 4.41 -8.03
N ILE A 138 22.92 4.48 -9.18
CA ILE A 138 23.62 4.37 -10.46
C ILE A 138 24.29 5.69 -10.86
N GLU A 139 23.59 6.79 -10.62
CA GLU A 139 24.11 8.13 -10.92
C GLU A 139 25.31 8.50 -10.05
N GLU A 140 25.34 7.96 -8.83
CA GLU A 140 26.40 8.26 -7.88
C GLU A 140 27.47 7.17 -7.77
N ASN A 141 27.30 6.10 -8.54
CA ASN A 141 28.25 4.97 -8.52
C ASN A 141 28.41 4.35 -7.14
N LYS A 142 27.44 4.59 -6.27
CA LYS A 142 27.50 4.02 -4.93
C LYS A 142 26.75 2.72 -4.91
N MET A 143 26.96 1.92 -5.95
CA MET A 143 26.24 0.66 -6.06
C MET A 143 26.92 -0.31 -5.11
N ASP A 144 28.15 0.03 -4.73
CA ASP A 144 28.93 -0.83 -3.84
C ASP A 144 28.39 -0.87 -2.41
N LEU A 145 27.54 0.10 -2.08
CA LEU A 145 26.95 0.15 -0.75
C LEU A 145 25.96 -0.98 -0.53
N LEU A 146 25.20 -1.28 -1.57
CA LEU A 146 24.14 -2.27 -1.53
C LEU A 146 24.70 -3.69 -1.42
N GLY A 147 24.22 -4.43 -0.42
CA GLY A 147 24.70 -5.77 -0.19
C GLY A 147 23.74 -6.87 -0.59
N MET A 148 22.45 -6.64 -0.39
CA MET A 148 21.43 -7.60 -0.79
C MET A 148 20.05 -6.97 -0.93
N VAL A 149 19.21 -7.63 -1.72
CA VAL A 149 17.83 -7.21 -1.91
C VAL A 149 16.88 -8.36 -1.60
N VAL A 150 15.86 -8.06 -0.80
CA VAL A 150 14.87 -9.06 -0.41
C VAL A 150 13.53 -8.72 -1.05
N VAL A 151 12.98 -9.65 -1.82
CA VAL A 151 11.72 -9.39 -2.49
C VAL A 151 10.61 -10.24 -1.90
N ASP A 152 9.61 -9.55 -1.37
CA ASP A 152 8.39 -10.18 -0.86
C ASP A 152 7.34 -10.24 -1.97
N GLU A 153 6.54 -11.30 -1.96
CA GLU A 153 5.51 -11.52 -2.98
C GLU A 153 6.15 -11.51 -4.36
N LEU A 154 6.88 -12.57 -4.66
CA LEU A 154 7.61 -12.67 -5.92
C LEU A 154 6.69 -12.98 -7.08
N HIS A 155 5.43 -13.26 -6.79
CA HIS A 155 4.50 -13.58 -7.87
C HIS A 155 4.00 -12.31 -8.54
N MET A 156 4.33 -11.14 -7.98
CA MET A 156 3.95 -9.89 -8.63
C MET A 156 4.94 -9.55 -9.74
N LEU A 157 5.84 -10.48 -10.06
CA LEU A 157 6.80 -10.27 -11.11
C LEU A 157 6.03 -10.37 -12.42
N GLY A 158 4.98 -11.19 -12.36
CA GLY A 158 4.17 -11.55 -13.51
C GLY A 158 3.34 -10.47 -14.16
N ASP A 159 2.32 -10.01 -13.45
CA ASP A 159 1.42 -9.03 -14.00
C ASP A 159 0.84 -8.10 -12.96
N SER A 160 1.16 -6.83 -13.08
CA SER A 160 0.62 -5.81 -12.21
C SER A 160 0.77 -4.39 -12.79
N HIS A 161 0.12 -3.43 -12.15
CA HIS A 161 0.14 -2.00 -12.51
C HIS A 161 1.56 -1.49 -12.32
N ARG A 162 2.22 -2.11 -11.35
CA ARG A 162 3.63 -1.82 -10.97
C ARG A 162 4.48 -3.05 -10.81
N GLY A 163 3.93 -4.22 -11.05
CA GLY A 163 4.68 -5.45 -10.87
C GLY A 163 5.83 -5.57 -11.86
N TYR A 164 5.72 -4.88 -12.99
CA TYR A 164 6.77 -4.93 -14.00
C TYR A 164 8.04 -4.22 -13.52
N LEU A 165 7.87 -3.27 -12.60
CA LEU A 165 9.02 -2.57 -12.07
C LEU A 165 9.93 -3.51 -11.29
N LEU A 166 9.36 -4.61 -10.81
CA LEU A 166 10.13 -5.60 -10.07
C LEU A 166 11.15 -6.33 -10.95
N GLU A 167 10.80 -6.49 -12.23
CA GLU A 167 11.68 -7.13 -13.19
C GLU A 167 12.81 -6.20 -13.63
N LEU A 168 12.45 -4.98 -14.01
CA LEU A 168 13.43 -3.96 -14.39
C LEU A 168 14.43 -3.76 -13.28
N LEU A 169 13.95 -3.82 -12.04
CA LEU A 169 14.79 -3.67 -10.87
C LEU A 169 15.75 -4.84 -10.80
N LEU A 170 15.21 -6.05 -10.90
CA LEU A 170 16.03 -7.25 -10.80
C LEU A 170 16.95 -7.42 -12.01
N THR A 171 16.42 -7.17 -13.21
CA THR A 171 17.20 -7.25 -14.43
C THR A 171 18.37 -6.28 -14.43
N LYS A 172 18.14 -5.08 -13.89
CA LYS A 172 19.18 -4.06 -13.81
C LYS A 172 20.31 -4.56 -12.91
N ILE A 173 19.92 -5.23 -11.83
CA ILE A 173 20.89 -5.81 -10.90
C ILE A 173 21.63 -6.95 -11.60
N CYS A 174 20.90 -7.77 -12.36
CA CYS A 174 21.53 -8.87 -13.08
C CYS A 174 22.46 -8.39 -14.18
N TYR A 175 22.19 -7.21 -14.72
CA TYR A 175 23.01 -6.67 -15.80
C TYR A 175 24.30 -6.10 -15.23
N ILE A 176 24.18 -5.36 -14.13
CA ILE A 176 25.31 -4.74 -13.44
C ILE A 176 26.29 -5.76 -12.84
N THR A 177 25.76 -6.81 -12.21
CA THR A 177 26.57 -7.85 -11.56
C THR A 177 27.32 -8.67 -12.62
N ARG A 178 26.81 -8.62 -13.85
CA ARG A 178 27.43 -9.28 -15.00
C ARG A 178 28.59 -8.48 -15.57
N LYS A 179 28.52 -7.16 -15.45
CA LYS A 179 29.60 -6.31 -15.91
C LYS A 179 30.85 -6.44 -15.06
N SER A 180 30.73 -6.94 -13.84
CA SER A 180 31.89 -7.17 -12.98
C SER A 180 32.44 -8.60 -13.12
N ALA A 181 31.72 -9.44 -13.86
CA ALA A 181 32.12 -10.82 -14.08
C ALA A 181 33.13 -10.98 -15.22
N SER A 192 33.88 -11.16 -4.77
CA SER A 192 33.67 -12.60 -4.72
C SER A 192 32.19 -12.92 -4.48
N ASN A 193 31.57 -12.16 -3.59
CA ASN A 193 30.17 -12.32 -3.18
C ASN A 193 29.14 -11.54 -4.02
N ALA A 194 29.47 -10.28 -4.30
CA ALA A 194 28.63 -9.32 -5.03
C ALA A 194 27.24 -8.99 -4.45
N VAL A 195 26.18 -9.21 -5.22
CA VAL A 195 24.81 -8.89 -4.76
C VAL A 195 23.83 -10.06 -4.61
N GLN A 196 23.48 -10.38 -3.37
CA GLN A 196 22.59 -11.50 -3.07
C GLN A 196 21.10 -11.15 -3.19
N ILE A 197 20.34 -12.06 -3.81
CA ILE A 197 18.89 -11.91 -4.00
C ILE A 197 18.02 -12.95 -3.27
N VAL A 198 17.19 -12.51 -2.33
CA VAL A 198 16.30 -13.44 -1.65
C VAL A 198 14.83 -13.20 -1.99
N GLY A 199 14.28 -14.05 -2.86
CA GLY A 199 12.89 -13.90 -3.28
C GLY A 199 11.97 -14.97 -2.72
N MET A 200 10.72 -14.61 -2.46
CA MET A 200 9.76 -15.55 -1.88
C MET A 200 8.33 -15.27 -2.35
N SER A 201 7.53 -16.32 -2.49
CA SER A 201 6.16 -16.18 -2.97
C SER A 201 5.29 -17.39 -2.65
N ALA A 202 4.14 -17.46 -3.32
CA ALA A 202 3.26 -18.62 -3.23
C ALA A 202 3.69 -19.60 -4.33
N THR A 203 3.16 -20.82 -4.27
CA THR A 203 3.55 -21.89 -5.20
C THR A 203 3.30 -21.58 -6.68
N LEU A 204 4.37 -21.25 -7.41
CA LEU A 204 4.27 -20.96 -8.84
C LEU A 204 4.73 -22.16 -9.67
N PRO A 205 4.03 -22.43 -10.79
CA PRO A 205 4.37 -23.54 -11.70
C PRO A 205 5.73 -23.38 -12.39
N ASN A 206 6.11 -22.14 -12.70
CA ASN A 206 7.37 -21.87 -13.37
C ASN A 206 8.35 -21.23 -12.40
N LEU A 207 8.31 -21.70 -11.16
CA LEU A 207 9.15 -21.18 -10.09
C LEU A 207 10.61 -21.57 -10.34
N GLU A 208 10.82 -22.70 -10.99
CA GLU A 208 12.17 -23.15 -11.32
C GLU A 208 12.81 -22.22 -12.35
N LEU A 209 11.98 -21.60 -13.18
CA LEU A 209 12.45 -20.64 -14.18
C LEU A 209 12.98 -19.37 -13.54
N VAL A 210 12.39 -18.98 -12.41
CA VAL A 210 12.79 -17.77 -11.72
C VAL A 210 14.13 -17.99 -11.01
N ALA A 211 14.29 -19.16 -10.41
CA ALA A 211 15.53 -19.47 -9.72
C ALA A 211 16.70 -19.56 -10.70
N SER A 212 16.42 -20.04 -11.92
CA SER A 212 17.47 -20.15 -12.93
C SER A 212 17.84 -18.81 -13.55
N TRP A 213 16.84 -17.95 -13.72
CA TRP A 213 17.04 -16.60 -14.25
C TRP A 213 17.92 -15.75 -13.36
N LEU A 214 17.76 -15.93 -12.05
CA LEU A 214 18.50 -15.16 -11.06
C LEU A 214 19.68 -15.95 -10.56
N ASN A 215 19.97 -17.07 -11.24
CA ASN A 215 21.00 -17.99 -10.80
C ASN A 215 20.86 -18.29 -9.33
N ALA A 216 19.66 -18.65 -8.92
CA ALA A 216 19.45 -18.84 -7.51
C ALA A 216 19.14 -20.30 -7.26
N GLU A 217 19.58 -20.78 -6.11
CA GLU A 217 19.24 -22.11 -5.64
C GLU A 217 17.76 -22.12 -5.25
N LEU A 218 17.11 -23.26 -5.48
CA LEU A 218 15.67 -23.33 -5.26
C LEU A 218 15.30 -24.14 -4.03
N TYR A 219 14.19 -23.78 -3.42
CA TYR A 219 13.59 -24.55 -2.34
C TYR A 219 12.09 -24.37 -2.40
N HIS A 220 11.37 -25.46 -2.19
CA HIS A 220 9.92 -25.44 -2.20
C HIS A 220 9.38 -26.41 -1.16
N THR A 221 8.33 -26.00 -0.45
CA THR A 221 7.67 -26.86 0.53
C THR A 221 6.17 -26.64 0.57
N ASP A 222 5.46 -27.63 1.12
CA ASP A 222 4.01 -27.55 1.30
C ASP A 222 3.66 -27.46 2.77
N PHE A 223 4.67 -27.30 3.62
CA PHE A 223 4.45 -27.27 5.07
C PHE A 223 3.57 -26.11 5.52
N ARG A 224 2.74 -26.41 6.50
CA ARG A 224 1.82 -25.44 7.09
C ARG A 224 1.43 -25.92 8.48
N PRO A 225 1.77 -25.13 9.51
CA PRO A 225 1.58 -25.52 10.92
C PRO A 225 0.13 -25.85 11.26
N VAL A 226 -0.82 -25.16 10.64
CA VAL A 226 -2.23 -25.45 10.86
C VAL A 226 -2.91 -25.92 9.57
N PRO A 227 -3.47 -27.14 9.58
CA PRO A 227 -4.09 -27.69 8.36
C PRO A 227 -5.34 -26.90 7.94
N LEU A 228 -5.37 -26.52 6.67
CA LEU A 228 -6.48 -25.76 6.09
C LEU A 228 -7.56 -26.63 5.46
N LEU A 229 -8.80 -26.48 5.93
CA LEU A 229 -9.91 -27.27 5.44
C LEU A 229 -10.78 -26.52 4.45
N GLU A 230 -10.30 -26.38 3.22
CA GLU A 230 -11.04 -25.69 2.16
C GLU A 230 -12.33 -26.46 1.84
N SER A 231 -13.47 -25.79 1.93
CA SER A 231 -14.73 -26.45 1.63
C SER A 231 -15.71 -25.52 0.91
N VAL A 232 -16.82 -26.08 0.45
CA VAL A 232 -17.84 -25.32 -0.25
C VAL A 232 -19.24 -25.75 0.19
N LYS A 233 -20.09 -24.77 0.51
CA LYS A 233 -21.43 -25.07 1.00
C LYS A 233 -22.51 -24.79 -0.04
N VAL A 234 -23.35 -25.78 -0.29
CA VAL A 234 -24.49 -25.62 -1.18
C VAL A 234 -25.75 -26.00 -0.41
N GLY A 235 -26.51 -25.00 0.03
CA GLY A 235 -27.67 -25.25 0.86
C GLY A 235 -27.22 -25.56 2.28
N ASN A 236 -27.53 -26.76 2.74
CA ASN A 236 -27.14 -27.22 4.07
C ASN A 236 -25.89 -28.09 4.06
N SER A 237 -25.53 -28.62 2.88
CA SER A 237 -24.43 -29.54 2.78
C SER A 237 -23.09 -28.84 2.52
N ILE A 238 -22.03 -29.37 3.11
CA ILE A 238 -20.68 -28.85 2.92
C ILE A 238 -19.79 -29.94 2.33
N TYR A 239 -19.17 -29.65 1.20
CA TYR A 239 -18.35 -30.61 0.48
C TYR A 239 -16.86 -30.24 0.46
N ASP A 240 -16.00 -31.21 0.21
CA ASP A 240 -14.58 -30.93 0.08
C ASP A 240 -14.25 -30.68 -1.39
N SER A 241 -12.97 -30.68 -1.75
CA SER A 241 -12.58 -30.39 -3.14
C SER A 241 -13.01 -31.48 -4.11
N SER A 242 -13.30 -32.68 -3.60
CA SER A 242 -13.69 -33.80 -4.44
C SER A 242 -15.20 -34.03 -4.40
N MET A 243 -15.93 -33.00 -3.97
CA MET A 243 -17.39 -33.03 -3.87
C MET A 243 -17.92 -34.13 -2.94
N LYS A 244 -17.12 -34.57 -1.99
CA LYS A 244 -17.59 -35.53 -1.01
C LYS A 244 -18.05 -34.78 0.22
N LEU A 245 -19.24 -35.13 0.70
CA LEU A 245 -19.86 -34.48 1.86
C LEU A 245 -19.07 -34.64 3.17
N VAL A 246 -18.79 -33.52 3.82
CA VAL A 246 -18.04 -33.53 5.07
C VAL A 246 -18.86 -33.04 6.27
N ARG A 247 -20.03 -32.46 6.00
CA ARG A 247 -20.92 -32.00 7.07
C ARG A 247 -22.29 -31.59 6.57
N GLU A 248 -23.33 -32.08 7.24
CA GLU A 248 -24.70 -31.65 6.98
C GLU A 248 -25.09 -30.57 7.99
N PHE A 249 -25.00 -29.31 7.56
CA PHE A 249 -25.20 -28.16 8.44
C PHE A 249 -26.66 -27.83 8.72
N GLU A 250 -26.94 -27.65 10.01
CA GLU A 250 -28.24 -27.26 10.52
C GLU A 250 -28.07 -26.14 11.56
N PRO A 251 -28.65 -24.97 11.28
CA PRO A 251 -28.65 -23.67 11.98
C PRO A 251 -29.23 -23.82 13.37
N MET A 252 -28.48 -23.42 14.41
CA MET A 252 -29.03 -23.54 15.75
C MET A 252 -30.25 -22.69 16.11
N LEU A 253 -30.27 -21.41 15.73
CA LEU A 253 -31.45 -20.54 15.88
C LEU A 253 -31.82 -19.78 14.61
N GLN A 254 -32.91 -20.11 13.93
CA GLN A 254 -33.20 -19.43 12.66
C GLN A 254 -33.62 -17.96 12.75
N VAL A 255 -33.07 -17.16 11.83
CA VAL A 255 -33.44 -15.76 11.69
C VAL A 255 -33.87 -15.48 10.25
N LYS A 256 -34.62 -14.41 10.03
CA LYS A 256 -35.08 -14.05 8.68
C LYS A 256 -34.02 -13.34 7.84
N GLY A 257 -34.33 -13.14 6.56
CA GLY A 257 -33.43 -12.53 5.61
C GLY A 257 -33.10 -13.45 4.46
N ASP A 258 -32.03 -13.10 3.73
CA ASP A 258 -31.49 -13.94 2.66
C ASP A 258 -31.12 -15.30 3.26
N GLU A 259 -30.15 -15.24 4.17
CA GLU A 259 -29.77 -16.36 5.02
C GLU A 259 -29.46 -17.67 4.31
N ASP A 260 -28.25 -17.72 3.74
CA ASP A 260 -27.66 -18.98 3.33
C ASP A 260 -26.90 -19.54 4.53
N HIS A 261 -27.52 -19.43 5.70
CA HIS A 261 -26.92 -19.75 7.00
C HIS A 261 -25.70 -18.91 7.38
N VAL A 262 -25.57 -17.73 6.78
CA VAL A 262 -24.42 -16.84 7.01
C VAL A 262 -24.28 -16.34 8.45
N VAL A 263 -25.39 -15.92 9.05
CA VAL A 263 -25.38 -15.49 10.46
C VAL A 263 -25.18 -16.67 11.43
N SER A 264 -25.79 -17.81 11.11
CA SER A 264 -25.70 -19.01 11.95
C SER A 264 -24.27 -19.55 11.98
N LEU A 265 -23.59 -19.46 10.84
CA LEU A 265 -22.20 -19.88 10.71
C LEU A 265 -21.27 -19.00 11.52
N CYS A 266 -21.53 -17.70 11.50
CA CYS A 266 -20.72 -16.73 12.25
C CYS A 266 -20.96 -16.95 13.75
N TYR A 267 -22.21 -17.17 14.10
CA TYR A 267 -22.59 -17.41 15.50
C TYR A 267 -21.97 -18.67 16.09
N GLU A 268 -21.92 -19.74 15.31
CA GLU A 268 -21.29 -20.99 15.74
C GLU A 268 -19.81 -20.78 16.10
N THR A 269 -19.12 -19.96 15.33
CA THR A 269 -17.69 -19.71 15.52
C THR A 269 -17.43 -18.87 16.78
N ILE A 270 -18.27 -17.85 16.98
CA ILE A 270 -18.16 -16.93 18.11
C ILE A 270 -18.42 -17.65 19.41
N CYS A 271 -19.43 -18.51 19.42
CA CYS A 271 -19.80 -19.26 20.62
C CYS A 271 -18.65 -20.14 21.09
N ASP A 272 -17.78 -20.57 20.17
CA ASP A 272 -16.64 -21.38 20.58
C ASP A 272 -15.49 -20.47 20.96
N ASN A 273 -15.81 -19.20 21.20
CA ASN A 273 -14.84 -18.18 21.58
C ASN A 273 -13.74 -18.01 20.52
N HIS A 274 -14.16 -17.83 19.26
CA HIS A 274 -13.24 -17.63 18.14
C HIS A 274 -13.68 -16.45 17.29
N SER A 275 -12.98 -16.22 16.18
CA SER A 275 -13.32 -15.13 15.28
C SER A 275 -13.43 -15.58 13.83
N VAL A 276 -14.20 -14.82 13.05
CA VAL A 276 -14.50 -15.18 11.67
C VAL A 276 -14.33 -14.01 10.69
N LEU A 277 -13.70 -14.28 9.56
CA LEU A 277 -13.59 -13.33 8.47
C LEU A 277 -14.63 -13.63 7.39
N LEU A 278 -15.43 -12.63 7.04
CA LEU A 278 -16.48 -12.81 6.05
C LEU A 278 -16.24 -11.89 4.85
N PHE A 279 -15.88 -12.48 3.72
CA PHE A 279 -15.57 -11.71 2.51
C PHE A 279 -16.77 -11.49 1.60
N CYS A 280 -16.98 -10.23 1.23
CA CYS A 280 -18.12 -9.83 0.40
C CYS A 280 -17.66 -9.05 -0.83
N PRO A 281 -18.41 -9.18 -1.94
CA PRO A 281 -18.02 -8.55 -3.22
C PRO A 281 -17.92 -7.02 -3.16
N SER A 282 -19.03 -6.37 -2.79
CA SER A 282 -19.11 -4.91 -2.81
C SER A 282 -18.92 -4.28 -1.44
N LYS A 283 -18.59 -2.99 -1.42
CA LYS A 283 -18.43 -2.26 -0.16
C LYS A 283 -19.76 -2.17 0.58
N LYS A 284 -20.86 -2.16 -0.18
CA LYS A 284 -22.17 -1.97 0.42
C LYS A 284 -22.71 -3.22 1.10
N TRP A 285 -22.34 -4.40 0.62
CA TRP A 285 -22.79 -5.65 1.23
C TRP A 285 -22.15 -5.82 2.59
N CYS A 286 -20.89 -5.42 2.69
CA CYS A 286 -20.11 -5.53 3.93
C CYS A 286 -20.77 -4.76 5.07
N GLU A 287 -21.26 -3.57 4.78
CA GLU A 287 -21.90 -2.74 5.80
C GLU A 287 -23.28 -3.30 6.14
N LYS A 288 -23.98 -3.77 5.13
CA LYS A 288 -25.29 -4.37 5.30
C LYS A 288 -25.19 -5.65 6.13
N LEU A 289 -24.16 -6.45 5.85
CA LEU A 289 -23.96 -7.71 6.53
C LEU A 289 -23.45 -7.51 7.96
N ALA A 290 -22.61 -6.50 8.16
CA ALA A 290 -22.10 -6.20 9.49
C ALA A 290 -23.26 -5.72 10.34
N ASP A 291 -24.24 -5.07 9.70
CA ASP A 291 -25.41 -4.58 10.39
C ASP A 291 -26.38 -5.69 10.79
N ILE A 292 -26.59 -6.64 9.90
CA ILE A 292 -27.49 -7.75 10.19
C ILE A 292 -26.93 -8.62 11.31
N ILE A 293 -25.66 -9.00 11.18
CA ILE A 293 -24.98 -9.84 12.17
C ILE A 293 -24.94 -9.21 13.57
N ALA A 294 -24.57 -7.94 13.63
CA ALA A 294 -24.48 -7.22 14.91
C ALA A 294 -25.86 -7.05 15.55
N ARG A 295 -26.86 -6.85 14.70
CA ARG A 295 -28.24 -6.71 15.11
C ARG A 295 -28.76 -8.03 15.71
N GLU A 296 -28.47 -9.15 15.06
CA GLU A 296 -28.91 -10.45 15.56
C GLU A 296 -28.14 -10.88 16.82
N PHE A 297 -26.89 -10.45 16.93
CA PHE A 297 -26.06 -10.73 18.12
C PHE A 297 -26.64 -10.05 19.36
N TYR A 298 -27.40 -8.99 19.17
CA TYR A 298 -27.99 -8.29 20.29
C TYR A 298 -29.19 -9.07 20.82
N ASN A 299 -30.03 -9.58 19.92
CA ASN A 299 -31.20 -10.35 20.33
C ASN A 299 -30.92 -11.74 20.94
N LEU A 300 -30.02 -12.49 20.29
CA LEU A 300 -29.73 -13.88 20.66
C LEU A 300 -28.98 -14.17 21.96
N HIS A 301 -28.12 -13.26 22.40
CA HIS A 301 -27.34 -13.52 23.60
C HIS A 301 -28.29 -13.33 24.76
N HIS A 302 -29.17 -12.35 24.62
CA HIS A 302 -30.12 -11.98 25.67
C HIS A 302 -31.47 -12.71 25.56
N GLN A 303 -31.63 -13.49 24.50
CA GLN A 303 -32.86 -14.28 24.24
C GLN A 303 -34.19 -13.51 24.22
N ALA A 304 -34.21 -12.32 23.64
CA ALA A 304 -35.45 -11.55 23.58
C ALA A 304 -35.98 -11.43 22.15
N SER A 311 -25.40 0.58 19.76
CA SER A 311 -24.96 1.90 20.20
C SER A 311 -24.87 1.97 21.71
N GLU A 312 -24.45 0.85 22.32
CA GLU A 312 -24.35 0.74 23.77
C GLU A 312 -22.90 0.83 24.24
N CYS A 313 -22.69 0.47 25.50
CA CYS A 313 -21.38 0.42 26.10
C CYS A 313 -20.95 -1.02 25.85
N PRO A 314 -19.64 -1.27 25.74
CA PRO A 314 -19.32 -2.69 25.58
C PRO A 314 -19.67 -3.47 26.84
N PRO A 315 -20.09 -4.74 26.70
CA PRO A 315 -20.42 -5.54 27.89
C PRO A 315 -19.26 -5.63 28.87
N VAL A 316 -19.57 -5.91 30.13
CA VAL A 316 -18.55 -6.03 31.16
C VAL A 316 -17.80 -7.36 31.24
N ILE A 317 -16.59 -7.34 30.71
CA ILE A 317 -15.63 -8.45 30.69
C ILE A 317 -14.32 -7.86 31.19
N LEU A 318 -13.19 -8.40 30.76
CA LEU A 318 -11.87 -7.84 31.09
C LEU A 318 -11.42 -6.73 30.15
N GLU A 319 -12.12 -6.63 29.04
CA GLU A 319 -11.90 -5.73 27.89
C GLU A 319 -12.87 -4.55 27.65
N GLN A 320 -13.68 -4.24 28.65
CA GLN A 320 -14.67 -3.16 28.55
C GLN A 320 -13.89 -1.88 28.23
N LYS A 321 -12.74 -1.72 28.87
CA LYS A 321 -11.89 -0.55 28.67
C LYS A 321 -11.37 -0.41 27.24
N GLU A 322 -10.90 -1.50 26.64
CA GLU A 322 -10.33 -1.47 25.28
C GLU A 322 -11.32 -1.30 24.11
N LEU A 323 -12.55 -1.76 24.27
CA LEU A 323 -13.58 -1.54 23.26
C LEU A 323 -13.92 -0.07 23.27
N LEU A 324 -13.96 0.53 24.47
CA LEU A 324 -14.23 1.95 24.62
C LEU A 324 -13.08 2.78 24.04
N GLU A 325 -11.84 2.32 24.27
CA GLU A 325 -10.67 3.00 23.73
C GLU A 325 -10.66 3.06 22.20
N VAL A 326 -11.10 1.98 21.58
CA VAL A 326 -11.19 1.89 20.12
C VAL A 326 -12.19 2.88 19.48
N MET A 327 -13.38 2.99 20.05
CA MET A 327 -14.40 3.91 19.53
C MET A 327 -13.97 5.36 19.73
N ASP A 328 -13.29 5.63 20.84
CA ASP A 328 -12.82 6.98 21.14
C ASP A 328 -11.68 7.34 20.19
N GLN A 329 -10.84 6.37 19.86
CA GLN A 329 -9.73 6.64 18.94
C GLN A 329 -10.30 6.94 17.56
N LEU A 330 -11.37 6.24 17.18
CA LEU A 330 -12.07 6.49 15.93
C LEU A 330 -12.70 7.87 15.89
N ARG A 331 -13.23 8.28 17.03
CA ARG A 331 -13.88 9.58 17.20
C ARG A 331 -12.89 10.73 16.98
N ARG A 332 -11.71 10.61 17.56
CA ARG A 332 -10.69 11.64 17.44
C ARG A 332 -9.87 11.50 16.16
N LEU A 333 -10.54 11.22 15.05
CA LEU A 333 -9.86 11.10 13.76
C LEU A 333 -10.46 12.08 12.75
N PRO A 334 -9.68 12.47 11.72
CA PRO A 334 -10.14 13.38 10.65
C PRO A 334 -11.40 12.90 9.93
N SER A 335 -11.74 11.63 10.10
CA SER A 335 -12.90 11.01 9.48
C SER A 335 -14.08 11.03 10.42
N GLY A 336 -13.79 10.91 11.71
CA GLY A 336 -14.83 10.76 12.70
C GLY A 336 -15.22 9.31 12.86
N LEU A 337 -16.22 9.08 13.70
CA LEU A 337 -16.71 7.74 13.97
C LEU A 337 -17.86 7.44 13.03
N ASP A 338 -17.66 6.42 12.19
CA ASP A 338 -18.64 6.01 11.20
C ASP A 338 -19.95 5.62 11.88
N SER A 339 -21.05 5.98 11.24
CA SER A 339 -22.39 5.76 11.78
C SER A 339 -22.73 4.28 11.94
N VAL A 340 -22.34 3.48 10.95
CA VAL A 340 -22.59 2.04 10.97
C VAL A 340 -21.72 1.33 12.02
N LEU A 341 -20.48 1.78 12.15
CA LEU A 341 -19.55 1.25 13.14
C LEU A 341 -20.02 1.50 14.56
N GLN A 342 -20.70 2.63 14.78
CA GLN A 342 -21.19 2.97 16.11
C GLN A 342 -22.21 1.96 16.59
N LYS A 343 -22.91 1.35 15.64
CA LYS A 343 -23.90 0.34 15.95
C LYS A 343 -23.25 -1.02 16.17
N THR A 344 -22.30 -1.36 15.30
CA THR A 344 -21.73 -2.71 15.26
C THR A 344 -20.58 -2.97 16.23
N VAL A 345 -19.62 -2.05 16.30
CA VAL A 345 -18.41 -2.22 17.13
C VAL A 345 -18.69 -2.60 18.59
N PRO A 346 -19.75 -2.05 19.21
CA PRO A 346 -20.07 -2.51 20.57
C PRO A 346 -20.32 -4.00 20.68
N TRP A 347 -20.59 -4.69 19.57
CA TRP A 347 -20.83 -6.11 19.69
C TRP A 347 -19.77 -6.93 18.96
N GLY A 348 -18.54 -6.43 18.94
CA GLY A 348 -17.42 -7.14 18.35
C GLY A 348 -17.59 -7.38 16.85
N VAL A 349 -18.36 -6.52 16.20
CA VAL A 349 -18.60 -6.63 14.77
C VAL A 349 -18.15 -5.36 14.04
N ALA A 350 -17.57 -5.53 12.85
CA ALA A 350 -17.10 -4.39 12.07
C ALA A 350 -16.99 -4.77 10.60
N PHE A 351 -16.87 -3.77 9.72
CA PHE A 351 -16.59 -4.05 8.31
C PHE A 351 -15.25 -3.40 7.95
N HIS A 352 -14.78 -3.65 6.74
CA HIS A 352 -13.45 -3.18 6.33
C HIS A 352 -13.34 -3.15 4.80
N HIS A 353 -13.25 -1.97 4.23
CA HIS A 353 -13.05 -1.82 2.79
C HIS A 353 -12.26 -0.56 2.43
N ALA A 354 -12.05 -0.35 1.14
CA ALA A 354 -11.26 0.78 0.65
C ALA A 354 -11.98 2.13 0.78
N GLY A 355 -13.26 2.09 1.13
CA GLY A 355 -14.07 3.29 1.32
C GLY A 355 -13.68 4.01 2.61
N LEU A 356 -13.14 3.25 3.55
CA LEU A 356 -12.66 3.79 4.81
C LEU A 356 -11.28 4.41 4.64
N THR A 357 -10.93 5.34 5.51
CA THR A 357 -9.60 5.93 5.52
C THR A 357 -8.55 4.94 6.03
N PHE A 358 -7.29 5.17 5.69
CA PHE A 358 -6.22 4.27 6.11
C PHE A 358 -6.05 4.21 7.62
N GLU A 359 -6.47 5.25 8.31
CA GLU A 359 -6.37 5.29 9.77
C GLU A 359 -7.47 4.47 10.43
N GLU A 360 -8.66 4.47 9.83
CA GLU A 360 -9.75 3.65 10.33
C GLU A 360 -9.42 2.17 10.16
N ARG A 361 -8.83 1.84 9.02
CA ARG A 361 -8.51 0.44 8.75
C ARG A 361 -7.37 -0.05 9.64
N ASP A 362 -6.48 0.85 10.05
CA ASP A 362 -5.39 0.44 10.95
C ASP A 362 -5.95 0.11 12.34
N ILE A 363 -7.02 0.78 12.71
CA ILE A 363 -7.67 0.56 14.01
C ILE A 363 -8.40 -0.77 14.06
N ILE A 364 -9.20 -1.03 13.03
CA ILE A 364 -10.02 -2.24 12.96
C ILE A 364 -9.14 -3.49 12.89
N GLU A 365 -8.10 -3.43 12.05
CA GLU A 365 -7.18 -4.56 11.93
C GLU A 365 -6.51 -4.85 13.27
N GLY A 366 -6.16 -3.81 14.02
CA GLY A 366 -5.59 -3.99 15.33
C GLY A 366 -6.57 -4.54 16.36
N ALA A 367 -7.83 -4.12 16.26
CA ALA A 367 -8.88 -4.57 17.17
C ALA A 367 -9.19 -6.04 16.95
N PHE A 368 -9.25 -6.42 15.68
CA PHE A 368 -9.54 -7.81 15.32
C PHE A 368 -8.38 -8.70 15.69
N ARG A 369 -7.16 -8.18 15.55
CA ARG A 369 -5.96 -8.96 15.84
C ARG A 369 -5.83 -9.16 17.35
N GLN A 370 -6.39 -8.25 18.13
CA GLN A 370 -6.34 -8.35 19.59
C GLN A 370 -7.51 -9.18 20.14
N GLY A 371 -8.55 -9.35 19.33
CA GLY A 371 -9.73 -10.09 19.75
C GLY A 371 -10.92 -9.24 20.16
N LEU A 372 -10.75 -7.92 20.13
CA LEU A 372 -11.81 -6.97 20.47
C LEU A 372 -12.95 -7.07 19.47
N ILE A 373 -12.60 -7.29 18.20
CA ILE A 373 -13.60 -7.52 17.17
C ILE A 373 -13.55 -8.99 16.78
N ARG A 374 -14.70 -9.65 16.89
CA ARG A 374 -14.78 -11.08 16.66
C ARG A 374 -15.25 -11.39 15.25
N VAL A 375 -16.08 -10.51 14.69
CA VAL A 375 -16.58 -10.65 13.32
C VAL A 375 -16.17 -9.48 12.42
N LEU A 376 -15.50 -9.78 11.31
CA LEU A 376 -15.05 -8.74 10.40
C LEU A 376 -15.48 -9.03 8.97
N ALA A 377 -16.46 -8.28 8.49
CA ALA A 377 -16.92 -8.42 7.10
C ALA A 377 -16.09 -7.56 6.16
N ALA A 378 -15.19 -8.18 5.40
CA ALA A 378 -14.25 -7.42 4.59
C ALA A 378 -14.43 -7.65 3.08
N THR A 379 -13.65 -6.89 2.30
CA THR A 379 -13.61 -7.02 0.85
C THR A 379 -12.30 -7.69 0.42
N SER A 380 -12.03 -7.65 -0.88
CA SER A 380 -10.83 -8.25 -1.43
C SER A 380 -9.61 -7.39 -1.15
N THR A 381 -9.84 -6.18 -0.63
CA THR A 381 -8.76 -5.27 -0.30
C THR A 381 -7.91 -5.85 0.82
N LEU A 382 -8.57 -6.48 1.79
CA LEU A 382 -7.86 -7.02 2.94
C LEU A 382 -7.11 -8.31 2.60
N SER A 383 -7.63 -9.07 1.65
CA SER A 383 -7.05 -10.36 1.29
C SER A 383 -5.62 -10.23 0.79
N SER A 384 -5.31 -9.07 0.22
CA SER A 384 -3.97 -8.81 -0.31
C SER A 384 -3.24 -7.85 0.59
N GLY A 385 -3.89 -7.46 1.69
CA GLY A 385 -3.34 -6.49 2.60
C GLY A 385 -2.42 -7.13 3.61
N VAL A 386 -2.51 -6.66 4.85
CA VAL A 386 -1.64 -7.14 5.91
C VAL A 386 -2.02 -8.54 6.39
N ASN A 387 -1.13 -9.14 7.18
CA ASN A 387 -1.35 -10.45 7.75
C ASN A 387 -2.44 -10.39 8.82
N LEU A 388 -3.54 -11.10 8.60
CA LEU A 388 -4.67 -11.09 9.53
C LEU A 388 -5.43 -12.40 9.50
N PRO A 389 -5.08 -13.32 10.43
CA PRO A 389 -5.65 -14.66 10.45
C PRO A 389 -6.94 -14.79 11.27
N ALA A 390 -7.68 -15.87 11.01
CA ALA A 390 -8.90 -16.18 11.74
C ALA A 390 -9.20 -17.69 11.75
N ARG A 391 -10.02 -18.13 12.70
CA ARG A 391 -10.39 -19.54 12.79
C ARG A 391 -11.13 -19.96 11.53
N ARG A 392 -12.19 -19.24 11.21
CA ARG A 392 -13.02 -19.57 10.08
C ARG A 392 -13.05 -18.41 9.09
N VAL A 393 -12.88 -18.74 7.81
CA VAL A 393 -13.02 -17.76 6.74
C VAL A 393 -14.22 -18.12 5.89
N ILE A 394 -15.11 -17.16 5.67
CA ILE A 394 -16.29 -17.39 4.86
C ILE A 394 -16.29 -16.48 3.63
N ILE A 395 -16.46 -17.07 2.46
CA ILE A 395 -16.57 -16.30 1.23
C ILE A 395 -18.02 -16.36 0.74
N ARG A 396 -18.66 -15.20 0.69
CA ARG A 396 -20.11 -15.12 0.45
C ARG A 396 -20.57 -15.63 -0.91
N THR A 397 -19.74 -15.46 -1.93
CA THR A 397 -20.12 -15.88 -3.28
C THR A 397 -18.90 -15.96 -4.20
N PRO A 398 -18.93 -16.87 -5.17
CA PRO A 398 -17.83 -16.94 -6.15
C PRO A 398 -17.95 -15.87 -7.24
N ILE A 399 -18.89 -14.95 -7.11
CA ILE A 399 -19.06 -13.88 -8.10
C ILE A 399 -18.73 -12.51 -7.51
N PHE A 400 -17.52 -12.04 -7.80
CA PHE A 400 -17.04 -10.76 -7.27
C PHE A 400 -17.05 -9.67 -8.34
N GLY A 401 -17.81 -8.60 -8.07
CA GLY A 401 -17.91 -7.47 -8.97
C GLY A 401 -18.67 -7.80 -10.24
N GLY A 402 -19.55 -8.79 -10.14
CA GLY A 402 -20.35 -9.23 -11.27
C GLY A 402 -19.64 -10.23 -12.17
N ARG A 403 -18.39 -10.51 -11.85
CA ARG A 403 -17.56 -11.44 -12.60
C ARG A 403 -17.07 -12.56 -11.68
N PRO A 404 -16.80 -13.75 -12.25
CA PRO A 404 -16.28 -14.83 -11.42
C PRO A 404 -14.95 -14.49 -10.74
N LEU A 405 -14.79 -14.98 -9.51
CA LEU A 405 -13.64 -14.70 -8.65
C LEU A 405 -12.30 -15.23 -9.16
N ASP A 406 -11.27 -14.39 -9.08
CA ASP A 406 -9.91 -14.78 -9.46
C ASP A 406 -9.32 -15.83 -8.52
N ILE A 407 -8.49 -16.73 -9.06
CA ILE A 407 -7.89 -17.81 -8.28
C ILE A 407 -6.90 -17.32 -7.21
N LEU A 408 -6.10 -16.30 -7.54
CA LEU A 408 -5.12 -15.76 -6.60
C LEU A 408 -5.80 -15.10 -5.41
N THR A 409 -6.91 -14.44 -5.68
CA THR A 409 -7.69 -13.78 -4.65
C THR A 409 -8.27 -14.82 -3.70
N TYR A 410 -8.69 -15.95 -4.27
CA TYR A 410 -9.28 -17.03 -3.50
C TYR A 410 -8.23 -17.60 -2.54
N LYS A 411 -7.02 -17.83 -3.05
CA LYS A 411 -5.95 -18.41 -2.24
C LYS A 411 -5.47 -17.46 -1.15
N GLN A 412 -5.67 -16.16 -1.37
CA GLN A 412 -5.29 -15.15 -0.39
C GLN A 412 -6.31 -15.02 0.74
N MET A 413 -7.56 -15.32 0.43
CA MET A 413 -8.64 -15.29 1.40
C MET A 413 -8.59 -16.53 2.31
N VAL A 414 -8.56 -17.71 1.68
CA VAL A 414 -8.57 -18.97 2.42
C VAL A 414 -7.24 -19.24 3.13
N GLY A 415 -6.22 -18.48 2.77
CA GLY A 415 -4.92 -18.61 3.40
C GLY A 415 -4.86 -18.03 4.78
N ARG A 416 -5.84 -17.18 5.09
CA ARG A 416 -5.92 -16.52 6.39
C ARG A 416 -6.70 -17.35 7.39
N ALA A 417 -6.99 -18.60 7.06
CA ALA A 417 -7.66 -19.52 7.96
C ALA A 417 -6.70 -20.41 8.74
N GLY A 418 -6.68 -20.23 10.05
CA GLY A 418 -5.80 -21.01 10.91
C GLY A 418 -4.73 -20.18 11.58
N ARG A 419 -4.91 -19.97 12.88
CA ARG A 419 -3.98 -19.21 13.69
C ARG A 419 -2.91 -20.11 14.31
N LYS A 420 -1.65 -19.86 13.97
CA LYS A 420 -0.55 -20.67 14.48
C LYS A 420 -0.47 -20.59 16.00
N GLY A 421 -0.61 -21.73 16.66
CA GLY A 421 -0.53 -21.80 18.11
C GLY A 421 -1.85 -21.62 18.83
N VAL A 422 -2.94 -21.47 18.08
CA VAL A 422 -4.25 -21.24 18.68
C VAL A 422 -5.29 -22.26 18.23
N ASP A 423 -5.49 -22.36 16.93
CA ASP A 423 -6.50 -23.26 16.35
C ASP A 423 -5.97 -24.64 16.01
N THR A 424 -6.84 -25.66 16.10
CA THR A 424 -6.44 -27.00 15.70
C THR A 424 -6.47 -27.11 14.18
N VAL A 425 -7.46 -26.46 13.56
CA VAL A 425 -7.60 -26.43 12.11
C VAL A 425 -8.07 -25.05 11.66
N GLY A 426 -7.95 -24.77 10.37
CA GLY A 426 -8.52 -23.57 9.78
C GLY A 426 -9.56 -23.96 8.74
N GLU A 427 -10.77 -23.45 8.89
CA GLU A 427 -11.86 -23.83 8.00
C GLU A 427 -12.20 -22.70 7.01
N SER A 428 -12.42 -23.10 5.75
CA SER A 428 -12.79 -22.16 4.70
C SER A 428 -14.06 -22.61 4.02
N ILE A 429 -15.05 -21.72 3.96
CA ILE A 429 -16.34 -22.05 3.39
C ILE A 429 -16.72 -21.10 2.25
N LEU A 430 -16.93 -21.66 1.06
CA LEU A 430 -17.34 -20.88 -0.10
C LEU A 430 -18.81 -21.15 -0.42
N ILE A 431 -19.67 -20.20 -0.07
CA ILE A 431 -21.11 -20.37 -0.26
C ILE A 431 -21.55 -20.21 -1.72
N CYS A 432 -22.23 -21.22 -2.25
CA CYS A 432 -22.66 -21.21 -3.65
C CYS A 432 -24.08 -21.70 -3.85
N LYS A 433 -24.58 -21.56 -5.08
CA LYS A 433 -25.86 -22.12 -5.47
C LYS A 433 -25.58 -23.32 -6.35
N ASN A 434 -26.63 -23.94 -6.85
CA ASN A 434 -26.49 -25.06 -7.75
C ASN A 434 -26.00 -24.57 -9.11
N SER A 435 -26.35 -23.33 -9.45
CA SER A 435 -25.96 -22.76 -10.74
C SER A 435 -24.49 -22.39 -10.74
N GLU A 436 -24.00 -21.85 -9.63
CA GLU A 436 -22.60 -21.47 -9.55
C GLU A 436 -21.82 -22.54 -8.79
N LYS A 437 -22.41 -23.74 -8.74
CA LYS A 437 -21.81 -24.89 -8.04
C LYS A 437 -20.54 -25.39 -8.71
N SER A 438 -20.57 -25.45 -10.03
CA SER A 438 -19.44 -25.96 -10.81
C SER A 438 -18.25 -25.01 -10.75
N LYS A 439 -18.56 -23.72 -10.72
CA LYS A 439 -17.54 -22.68 -10.69
C LYS A 439 -16.81 -22.59 -9.35
N GLY A 440 -17.50 -22.93 -8.27
CA GLY A 440 -16.91 -22.94 -6.95
C GLY A 440 -15.87 -24.04 -6.76
N ILE A 441 -16.16 -25.23 -7.27
CA ILE A 441 -15.24 -26.37 -7.22
C ILE A 441 -13.98 -26.06 -8.01
N ALA A 442 -14.14 -25.32 -9.11
CA ALA A 442 -13.00 -24.93 -9.94
C ALA A 442 -11.97 -24.15 -9.14
N LEU A 443 -12.43 -23.33 -8.18
CA LEU A 443 -11.51 -22.56 -7.35
C LEU A 443 -10.78 -23.44 -6.33
N LEU A 444 -11.50 -24.38 -5.73
CA LEU A 444 -10.90 -25.24 -4.71
C LEU A 444 -9.83 -26.16 -5.31
N GLN A 445 -10.03 -26.57 -6.56
CA GLN A 445 -9.07 -27.44 -7.24
C GLN A 445 -8.09 -26.66 -8.12
N GLY A 446 -8.43 -25.41 -8.38
CA GLY A 446 -7.65 -24.55 -9.28
C GLY A 446 -6.25 -24.23 -8.82
N SER A 447 -5.41 -23.84 -9.77
CA SER A 447 -4.04 -23.45 -9.43
C SER A 447 -3.62 -22.19 -10.17
N LEU A 448 -2.55 -21.59 -9.66
CA LEU A 448 -2.04 -20.31 -10.16
C LEU A 448 -1.48 -20.37 -11.57
N LYS A 449 -1.65 -19.29 -12.32
CA LYS A 449 -1.12 -19.19 -13.67
C LYS A 449 0.38 -18.87 -13.66
N PRO A 450 1.10 -19.34 -14.70
CA PRO A 450 2.54 -19.10 -14.89
C PRO A 450 2.89 -17.62 -15.00
N VAL A 451 4.04 -17.24 -14.46
CA VAL A 451 4.47 -15.85 -14.42
C VAL A 451 4.90 -15.29 -15.78
N ARG A 452 4.21 -14.25 -16.23
CA ARG A 452 4.53 -13.56 -17.49
C ARG A 452 5.71 -12.58 -17.34
N SER A 453 6.26 -12.16 -18.46
CA SER A 453 7.44 -11.30 -18.46
C SER A 453 7.11 -9.81 -18.40
N CYS A 454 5.88 -9.47 -18.79
CA CYS A 454 5.37 -8.09 -18.80
C CYS A 454 6.18 -7.19 -19.76
N LEU A 455 7.09 -7.82 -20.50
CA LEU A 455 7.88 -7.19 -21.55
C LEU A 455 7.60 -8.02 -22.80
N GLN A 456 6.40 -7.90 -23.37
CA GLN A 456 6.11 -8.75 -24.52
C GLN A 456 5.73 -8.05 -25.82
N ARG A 457 6.01 -8.72 -26.93
CA ARG A 457 5.70 -8.22 -28.25
C ARG A 457 4.22 -8.44 -28.57
N GLY A 460 1.68 -8.80 -31.48
CA GLY A 460 1.24 -7.75 -32.37
C GLY A 460 2.19 -6.56 -32.44
N GLU A 461 2.25 -5.80 -31.36
CA GLU A 461 3.13 -4.63 -31.27
C GLU A 461 4.60 -4.92 -31.00
N GLU A 462 5.46 -4.40 -31.87
CA GLU A 462 6.90 -4.57 -31.75
C GLU A 462 7.48 -3.81 -30.56
N VAL A 463 6.88 -2.66 -30.27
CA VAL A 463 7.26 -1.83 -29.13
C VAL A 463 6.31 -1.98 -27.94
N THR A 464 6.84 -1.76 -26.74
CA THR A 464 6.05 -1.87 -25.52
C THR A 464 6.63 -0.95 -24.45
N GLY A 465 5.74 -0.42 -23.60
CA GLY A 465 6.11 0.57 -22.60
C GLY A 465 7.23 0.16 -21.66
N SER A 466 7.11 -1.04 -21.10
CA SER A 466 8.08 -1.55 -20.14
C SER A 466 9.49 -1.66 -20.72
N MET A 467 9.59 -2.01 -22.00
CA MET A 467 10.88 -2.16 -22.67
C MET A 467 11.54 -0.81 -22.92
N ILE A 468 10.76 0.14 -23.44
CA ILE A 468 11.26 1.49 -23.71
C ILE A 468 11.86 2.13 -22.46
N ARG A 469 11.16 1.96 -21.33
CA ARG A 469 11.59 2.45 -20.04
C ARG A 469 12.86 1.78 -19.52
N ALA A 470 12.95 0.47 -19.71
CA ALA A 470 14.09 -0.32 -19.25
C ALA A 470 15.35 0.14 -19.97
N ILE A 471 15.21 0.37 -21.27
CA ILE A 471 16.31 0.84 -22.11
C ILE A 471 16.71 2.27 -21.74
N LEU A 472 15.73 3.11 -21.41
CA LEU A 472 16.03 4.48 -21.06
C LEU A 472 16.87 4.54 -19.78
N GLU A 473 16.55 3.68 -18.82
CA GLU A 473 17.24 3.72 -17.53
C GLU A 473 18.71 3.35 -17.66
N ILE A 474 19.02 2.40 -18.53
CA ILE A 474 20.39 1.93 -18.65
C ILE A 474 21.26 2.83 -19.53
N ILE A 475 20.67 3.52 -20.49
CA ILE A 475 21.47 4.42 -21.33
C ILE A 475 21.74 5.75 -20.62
N VAL A 476 20.67 6.37 -20.11
CA VAL A 476 20.79 7.64 -19.40
C VAL A 476 21.62 7.47 -18.13
N GLY A 477 21.43 6.34 -17.45
CA GLY A 477 22.17 6.07 -16.24
C GLY A 477 23.63 5.84 -16.50
N GLY A 478 23.97 5.45 -17.73
CA GLY A 478 25.37 5.30 -18.10
C GLY A 478 25.94 3.92 -17.82
N VAL A 479 25.13 2.88 -17.95
CA VAL A 479 25.64 1.52 -17.76
C VAL A 479 25.50 0.70 -19.03
N ALA A 480 24.96 1.34 -20.06
CA ALA A 480 24.85 0.74 -21.37
C ALA A 480 25.02 1.91 -22.31
N SER A 481 26.16 1.94 -23.00
CA SER A 481 26.52 3.05 -23.85
C SER A 481 26.50 2.68 -25.32
N THR A 482 27.18 1.58 -25.64
CA THR A 482 27.34 1.17 -27.03
C THR A 482 26.20 0.27 -27.46
N SER A 483 26.26 -0.23 -28.68
CA SER A 483 25.22 -1.12 -29.18
C SER A 483 25.35 -2.59 -28.75
N GLN A 484 26.58 -2.99 -28.42
CA GLN A 484 26.86 -4.36 -27.95
C GLN A 484 26.32 -4.60 -26.53
N ASP A 485 26.38 -3.56 -25.71
CA ASP A 485 25.91 -3.59 -24.34
C ASP A 485 24.40 -3.81 -24.23
N MET A 486 23.67 -3.37 -25.24
CA MET A 486 22.21 -3.46 -25.28
C MET A 486 21.79 -4.93 -25.34
N HIS A 487 22.42 -5.69 -26.24
CA HIS A 487 22.09 -7.09 -26.41
C HIS A 487 22.66 -7.93 -25.26
N THR A 488 23.72 -7.44 -24.63
CA THR A 488 24.24 -8.07 -23.42
C THR A 488 23.18 -8.01 -22.31
N TYR A 489 22.47 -6.89 -22.26
CA TYR A 489 21.35 -6.69 -21.34
C TYR A 489 20.19 -7.60 -21.66
N ALA A 490 19.97 -7.82 -22.95
CA ALA A 490 18.87 -8.67 -23.41
C ALA A 490 19.03 -10.11 -22.92
N ALA A 491 20.27 -10.51 -22.65
CA ALA A 491 20.54 -11.85 -22.13
C ALA A 491 20.12 -11.97 -20.67
N CYS A 492 20.18 -10.85 -19.94
CA CYS A 492 19.90 -10.85 -18.51
C CYS A 492 18.41 -10.75 -18.14
N THR A 493 17.56 -10.52 -19.13
CA THR A 493 16.13 -10.37 -18.87
C THR A 493 15.43 -11.68 -18.50
N PHE A 494 14.28 -11.56 -17.86
CA PHE A 494 13.46 -12.72 -17.52
C PHE A 494 12.82 -13.25 -18.79
N LEU A 495 12.70 -12.37 -19.77
CA LEU A 495 12.14 -12.72 -21.07
C LEU A 495 13.03 -13.70 -21.82
N ALA A 496 14.35 -13.54 -21.69
CA ALA A 496 15.29 -14.41 -22.38
C ALA A 496 15.57 -15.68 -21.59
N ALA A 497 15.11 -15.73 -20.35
CA ALA A 497 15.34 -16.91 -19.51
C ALA A 497 14.40 -18.04 -19.94
N SER A 498 13.30 -17.67 -20.57
CA SER A 498 12.28 -18.61 -21.02
C SER A 498 12.70 -19.46 -22.22
N MET A 499 13.74 -19.04 -22.93
CA MET A 499 14.18 -19.76 -24.12
C MET A 499 15.30 -20.74 -23.81
N GLY A 516 16.84 -7.33 -31.42
CA GLY A 516 15.72 -7.34 -32.33
C GLY A 516 14.69 -6.27 -31.96
N ALA A 517 13.87 -6.60 -30.96
CA ALA A 517 12.85 -5.70 -30.44
C ALA A 517 13.53 -4.55 -29.71
N ILE A 518 14.66 -4.87 -29.11
CA ILE A 518 15.49 -3.90 -28.39
C ILE A 518 15.91 -2.77 -29.30
N GLU A 519 16.30 -3.11 -30.52
CA GLU A 519 16.75 -2.12 -31.48
C GLU A 519 15.62 -1.16 -31.83
N ALA A 520 14.38 -1.64 -31.79
CA ALA A 520 13.23 -0.81 -32.11
C ALA A 520 13.00 0.25 -31.02
N CYS A 521 13.24 -0.12 -29.77
CA CYS A 521 13.06 0.80 -28.65
C CYS A 521 14.12 1.89 -28.66
N VAL A 522 15.33 1.55 -29.09
CA VAL A 522 16.43 2.49 -29.16
C VAL A 522 16.14 3.58 -30.19
N MET A 523 15.57 3.17 -31.32
CA MET A 523 15.18 4.11 -32.36
C MET A 523 14.06 5.03 -31.87
N TRP A 524 13.14 4.47 -31.07
CA TRP A 524 12.04 5.24 -30.51
C TRP A 524 12.58 6.36 -29.62
N LEU A 525 13.60 6.02 -28.83
CA LEU A 525 14.26 7.00 -27.97
C LEU A 525 15.01 8.04 -28.80
N LEU A 526 15.44 7.64 -30.00
CA LEU A 526 16.11 8.56 -30.91
C LEU A 526 15.11 9.50 -31.56
N GLU A 527 13.98 8.95 -32.00
CA GLU A 527 12.97 9.75 -32.68
C GLU A 527 12.38 10.80 -31.76
N ASN A 528 12.30 10.51 -30.46
CA ASN A 528 11.65 11.44 -29.57
C ASN A 528 12.68 12.19 -28.72
N GLU A 529 13.87 12.35 -29.27
CA GLU A 529 14.90 13.19 -28.67
C GLU A 529 15.26 12.82 -27.23
N PHE A 530 15.06 11.57 -26.88
CA PHE A 530 15.39 11.09 -25.55
C PHE A 530 16.86 10.70 -25.51
N ILE A 531 17.38 10.26 -26.65
CA ILE A 531 18.74 9.74 -26.69
C ILE A 531 19.49 10.21 -27.94
N GLN A 532 20.82 10.30 -27.82
CA GLN A 532 21.70 10.74 -28.91
C GLN A 532 22.62 9.66 -29.49
N SER A 533 22.93 9.79 -30.77
CA SER A 533 23.82 8.90 -31.50
C SER A 533 24.98 9.69 -32.09
N THR A 534 26.22 9.29 -31.77
CA THR A 534 27.38 9.98 -32.30
C THR A 534 28.18 9.09 -33.25
N GLU A 535 28.97 9.73 -34.12
CA GLU A 535 29.77 9.03 -35.11
C GLU A 535 30.96 8.32 -34.49
N GLU A 541 35.22 4.65 -33.67
CA GLU A 541 34.29 4.84 -32.57
C GLU A 541 32.85 4.86 -33.05
N GLY A 542 32.49 3.83 -33.82
CA GLY A 542 31.16 3.68 -34.40
C GLY A 542 29.94 3.35 -33.56
N LYS A 543 28.93 4.22 -33.62
CA LYS A 543 27.63 3.99 -32.98
C LYS A 543 27.63 3.83 -31.44
N VAL A 544 27.67 4.98 -30.76
CA VAL A 544 27.58 5.08 -29.30
C VAL A 544 26.43 6.01 -28.91
N TYR A 545 25.58 5.57 -27.98
CA TYR A 545 24.35 6.27 -27.65
C TYR A 545 24.44 7.03 -26.32
N HIS A 546 24.01 8.30 -26.34
CA HIS A 546 24.07 9.16 -25.17
C HIS A 546 22.73 9.79 -24.79
N PRO A 547 22.56 10.15 -23.50
CA PRO A 547 21.33 10.80 -23.04
C PRO A 547 21.23 12.28 -23.38
N THR A 548 20.02 12.76 -23.66
CA THR A 548 19.77 14.19 -23.83
C THR A 548 19.35 14.84 -22.51
N HIS A 549 19.04 16.13 -22.53
CA HIS A 549 18.49 16.80 -21.35
C HIS A 549 17.10 16.29 -21.05
N LEU A 550 16.34 15.99 -22.10
CA LEU A 550 15.01 15.44 -21.93
C LEU A 550 15.12 14.04 -21.36
N GLY A 551 16.19 13.35 -21.73
CA GLY A 551 16.46 12.02 -21.20
C GLY A 551 16.81 12.07 -19.73
N SER A 552 17.84 12.85 -19.40
CA SER A 552 18.30 12.98 -18.02
C SER A 552 17.23 13.53 -17.09
N ALA A 553 16.33 14.34 -17.63
CA ALA A 553 15.23 14.90 -16.84
C ALA A 553 14.20 13.83 -16.51
N THR A 554 13.87 13.03 -17.52
CA THR A 554 12.88 11.97 -17.38
C THR A 554 13.32 10.90 -16.37
N LEU A 555 14.60 10.55 -16.37
CA LEU A 555 15.10 9.56 -15.44
C LEU A 555 15.07 10.05 -14.00
N SER A 556 15.50 11.29 -13.78
CA SER A 556 15.52 11.87 -12.44
C SER A 556 14.13 12.13 -11.87
N SER A 557 13.13 12.18 -12.76
CA SER A 557 11.77 12.48 -12.34
C SER A 557 10.99 11.19 -12.07
N SER A 558 11.59 10.05 -12.41
CA SER A 558 10.94 8.74 -12.28
C SER A 558 9.64 8.67 -13.08
N LEU A 559 9.63 9.37 -14.22
CA LEU A 559 8.45 9.42 -15.07
C LEU A 559 8.57 8.41 -16.20
N SER A 560 7.41 7.94 -16.67
CA SER A 560 7.36 7.04 -17.81
C SER A 560 7.53 7.84 -19.10
N PRO A 561 8.45 7.38 -19.96
CA PRO A 561 8.78 7.99 -21.25
C PRO A 561 7.55 8.21 -22.14
N ALA A 562 6.55 7.34 -22.01
CA ALA A 562 5.33 7.49 -22.79
C ALA A 562 4.54 8.69 -22.27
N ASP A 563 4.56 8.89 -20.95
CA ASP A 563 3.84 10.00 -20.33
C ASP A 563 4.60 11.31 -20.43
N THR A 564 5.92 11.22 -20.52
CA THR A 564 6.78 12.39 -20.51
C THR A 564 6.53 13.28 -21.73
N LEU A 565 6.19 12.67 -22.84
CA LEU A 565 5.92 13.40 -24.08
C LEU A 565 4.75 14.37 -23.95
N ASP A 566 3.64 13.89 -23.38
CA ASP A 566 2.48 14.75 -23.21
C ASP A 566 2.71 15.79 -22.12
N ILE A 567 3.42 15.41 -21.07
CA ILE A 567 3.75 16.33 -19.99
C ILE A 567 4.64 17.48 -20.44
N PHE A 568 5.65 17.16 -21.23
CA PHE A 568 6.59 18.16 -21.74
C PHE A 568 5.89 19.19 -22.63
N ALA A 569 4.96 18.74 -23.46
CA ALA A 569 4.22 19.67 -24.32
C ALA A 569 3.24 20.52 -23.51
N ASP A 570 2.55 19.88 -22.57
CA ASP A 570 1.56 20.54 -21.71
C ASP A 570 2.16 21.65 -20.85
N LEU A 571 3.38 21.43 -20.36
CA LEU A 571 4.07 22.40 -19.54
C LEU A 571 4.47 23.62 -20.36
N GLN A 572 4.98 23.37 -21.55
CA GLN A 572 5.36 24.42 -22.48
C GLN A 572 4.12 25.24 -22.87
N ARG A 573 2.97 24.58 -22.88
CA ARG A 573 1.68 25.20 -23.18
C ARG A 573 1.25 26.10 -22.03
N ALA A 574 1.59 25.70 -20.81
CA ALA A 574 1.17 26.45 -19.64
C ALA A 574 2.01 27.71 -19.48
N MET A 575 3.28 27.62 -19.90
CA MET A 575 4.22 28.73 -19.77
C MET A 575 4.01 29.83 -20.81
N LYS A 576 3.13 29.59 -21.78
CA LYS A 576 2.81 30.58 -22.80
C LYS A 576 1.68 31.49 -22.35
N GLY A 577 0.87 30.99 -21.42
CA GLY A 577 -0.26 31.74 -20.89
C GLY A 577 -0.70 31.09 -19.59
N PHE A 578 -0.36 31.73 -18.48
CA PHE A 578 -0.53 31.12 -17.16
C PHE A 578 -1.31 32.01 -16.21
N VAL A 579 -2.22 31.41 -15.45
CA VAL A 579 -3.03 32.14 -14.47
C VAL A 579 -2.41 32.02 -13.08
N LEU A 580 -2.18 33.16 -12.43
CA LEU A 580 -1.48 33.16 -11.15
C LEU A 580 -2.33 33.65 -9.99
N GLU A 581 -3.54 34.14 -10.27
CA GLU A 581 -4.38 34.70 -9.22
C GLU A 581 -4.89 33.65 -8.25
N ASN A 582 -5.01 32.41 -8.69
CA ASN A 582 -5.32 31.32 -7.76
C ASN A 582 -4.34 30.15 -7.91
N ASP A 583 -4.51 29.12 -7.10
CA ASP A 583 -3.60 27.97 -7.13
C ASP A 583 -4.15 26.86 -7.99
N LEU A 584 -5.27 27.12 -8.66
CA LEU A 584 -5.96 26.07 -9.41
C LEU A 584 -5.12 25.60 -10.59
N HIS A 585 -4.61 26.55 -11.37
CA HIS A 585 -3.86 26.22 -12.58
C HIS A 585 -2.58 25.45 -12.24
N ILE A 586 -1.96 25.81 -11.12
CA ILE A 586 -0.76 25.10 -10.67
C ILE A 586 -1.15 23.69 -10.25
N LEU A 587 -2.29 23.56 -9.58
CA LEU A 587 -2.75 22.24 -9.13
C LEU A 587 -3.06 21.34 -10.31
N TYR A 588 -3.55 21.92 -11.39
CA TYR A 588 -3.88 21.16 -12.57
C TYR A 588 -2.63 20.49 -13.14
N LEU A 589 -1.51 21.19 -13.07
CA LEU A 589 -0.26 20.65 -13.60
C LEU A 589 0.26 19.48 -12.78
N VAL A 590 -0.16 19.42 -11.51
CA VAL A 590 0.26 18.33 -10.64
C VAL A 590 -0.89 17.42 -10.27
N THR A 591 -1.97 17.48 -11.05
CA THR A 591 -3.11 16.59 -10.84
C THR A 591 -2.93 15.36 -11.72
N PRO A 592 -2.80 14.18 -11.10
CA PRO A 592 -2.50 12.92 -11.80
C PRO A 592 -3.75 12.36 -12.46
N MET A 593 -3.62 11.89 -13.70
CA MET A 593 -4.72 11.24 -14.39
C MET A 593 -4.21 10.08 -15.23
N PHE A 594 -3.70 9.04 -14.57
CA PHE A 594 -3.23 7.84 -15.23
C PHE A 594 -4.10 6.65 -14.84
N GLU A 595 -4.98 6.89 -13.88
CA GLU A 595 -5.89 5.88 -13.36
C GLU A 595 -7.13 6.55 -12.79
N ASP A 596 -8.25 5.86 -12.81
CA ASP A 596 -9.49 6.39 -12.25
C ASP A 596 -9.56 6.20 -10.74
N TRP A 597 -9.79 7.30 -10.01
CA TRP A 597 -9.82 7.23 -8.56
C TRP A 597 -11.26 7.23 -8.02
N THR A 598 -12.21 7.50 -8.90
CA THR A 598 -13.63 7.47 -8.52
C THR A 598 -14.57 7.51 -9.72
N THR A 599 -15.83 7.19 -9.47
CA THR A 599 -16.86 7.27 -10.50
C THR A 599 -17.53 8.63 -10.37
N ILE A 600 -17.21 9.53 -11.30
CA ILE A 600 -17.66 10.91 -11.23
C ILE A 600 -19.12 11.11 -11.65
N ASP A 601 -19.92 11.75 -10.79
CA ASP A 601 -21.28 12.09 -11.16
C ASP A 601 -21.30 13.39 -11.95
N TRP A 602 -21.56 13.26 -13.25
CA TRP A 602 -21.47 14.38 -14.17
C TRP A 602 -22.53 15.45 -13.98
N TYR A 603 -23.73 15.06 -13.57
CA TYR A 603 -24.78 16.05 -13.32
C TYR A 603 -24.36 16.97 -12.17
N ARG A 604 -23.79 16.39 -11.12
CA ARG A 604 -23.27 17.16 -9.99
C ARG A 604 -22.16 18.08 -10.46
N PHE A 605 -21.34 17.56 -11.38
CA PHE A 605 -20.20 18.30 -11.92
C PHE A 605 -20.68 19.54 -12.65
N PHE A 606 -21.73 19.39 -13.45
CA PHE A 606 -22.27 20.49 -14.22
C PHE A 606 -22.88 21.55 -13.30
N CYS A 607 -23.41 21.11 -12.16
CA CYS A 607 -23.99 22.00 -11.16
C CYS A 607 -22.94 22.85 -10.44
N LEU A 608 -21.75 22.28 -10.24
CA LEU A 608 -20.64 23.00 -9.63
C LEU A 608 -19.99 23.93 -10.63
N TRP A 609 -20.16 23.58 -11.91
CA TRP A 609 -19.65 24.34 -13.04
C TRP A 609 -20.29 25.72 -13.14
N GLU A 610 -21.61 25.76 -13.01
CA GLU A 610 -22.37 27.00 -13.10
C GLU A 610 -22.05 27.93 -11.93
N LYS A 611 -21.92 27.34 -10.75
CA LYS A 611 -21.63 28.05 -9.51
C LYS A 611 -20.16 28.45 -9.38
N LEU A 612 -19.35 27.98 -10.32
CA LEU A 612 -17.91 28.26 -10.30
C LEU A 612 -17.54 29.72 -10.60
N PRO A 613 -16.70 30.32 -9.74
CA PRO A 613 -16.27 31.71 -9.92
C PRO A 613 -15.56 31.92 -11.25
N THR A 614 -15.44 33.18 -11.69
CA THR A 614 -14.87 33.51 -12.99
C THR A 614 -13.37 33.19 -13.10
N SER A 615 -12.65 33.33 -11.98
CA SER A 615 -11.21 33.09 -11.98
C SER A 615 -10.88 31.63 -12.26
N MET A 616 -11.79 30.74 -11.91
CA MET A 616 -11.58 29.31 -12.10
C MET A 616 -12.19 28.81 -13.41
N LYS A 617 -13.11 29.58 -13.97
CA LYS A 617 -13.64 29.27 -15.29
C LYS A 617 -12.60 29.60 -16.36
N ARG A 618 -11.81 30.63 -16.10
CA ARG A 618 -10.75 31.02 -17.02
C ARG A 618 -9.71 29.91 -17.12
N VAL A 619 -9.46 29.26 -15.98
CA VAL A 619 -8.51 28.15 -15.91
C VAL A 619 -9.08 26.93 -16.62
N ALA A 620 -10.39 26.75 -16.52
CA ALA A 620 -11.04 25.62 -17.19
C ALA A 620 -10.92 25.76 -18.71
N GLU A 621 -11.26 26.94 -19.25
CA GLU A 621 -11.14 27.19 -20.68
C GLU A 621 -9.70 27.03 -21.17
N LEU A 622 -8.76 27.56 -20.39
CA LEU A 622 -7.34 27.56 -20.72
C LEU A 622 -6.77 26.14 -20.80
N VAL A 623 -7.51 25.19 -20.25
CA VAL A 623 -7.07 23.80 -20.19
C VAL A 623 -7.65 22.95 -21.32
N GLY A 624 -8.95 23.09 -21.57
CA GLY A 624 -9.59 22.32 -22.62
C GLY A 624 -11.04 22.00 -22.35
N VAL A 625 -11.48 22.36 -21.15
CA VAL A 625 -12.85 22.13 -20.69
C VAL A 625 -13.93 22.91 -21.45
N GLU A 626 -14.65 22.21 -22.33
CA GLU A 626 -15.76 22.83 -23.05
C GLU A 626 -17.09 22.48 -22.37
N GLU A 627 -17.94 23.49 -22.23
CA GLU A 627 -19.23 23.33 -21.54
C GLU A 627 -20.15 22.41 -22.31
N GLY A 628 -19.96 22.35 -23.63
CA GLY A 628 -20.77 21.50 -24.48
C GLY A 628 -20.55 20.03 -24.18
N PHE A 629 -19.31 19.67 -23.90
CA PHE A 629 -18.97 18.29 -23.57
C PHE A 629 -19.52 17.85 -22.22
N LEU A 630 -19.57 18.78 -21.27
CA LEU A 630 -20.12 18.49 -19.95
C LEU A 630 -21.62 18.18 -20.03
N ALA A 631 -22.29 18.86 -20.97
CA ALA A 631 -23.72 18.68 -21.19
C ALA A 631 -23.98 17.34 -21.86
N ARG A 632 -23.07 16.95 -22.74
CA ARG A 632 -23.18 15.70 -23.50
C ARG A 632 -22.78 14.50 -22.64
N CYS A 633 -22.37 14.78 -21.42
CA CYS A 633 -22.03 13.75 -20.43
C CYS A 633 -23.25 13.46 -19.57
N VAL A 634 -23.96 14.51 -19.21
CA VAL A 634 -25.17 14.39 -18.40
C VAL A 634 -26.33 13.81 -19.21
N LYS A 635 -26.56 14.35 -20.40
CA LYS A 635 -27.67 13.87 -21.24
C LYS A 635 -27.55 12.41 -21.64
N GLY A 636 -26.36 12.03 -22.11
CA GLY A 636 -26.09 10.67 -22.51
C GLY A 636 -24.79 10.17 -21.90
N LYS A 637 -24.82 8.97 -21.32
CA LYS A 637 -23.62 8.42 -20.71
C LYS A 637 -22.70 7.85 -21.79
N VAL A 638 -22.34 8.67 -22.77
CA VAL A 638 -21.46 8.19 -23.83
C VAL A 638 -19.98 8.51 -23.55
N VAL A 639 -19.26 7.47 -23.14
CA VAL A 639 -17.85 7.60 -22.81
C VAL A 639 -16.99 7.70 -24.07
N ALA A 640 -17.44 7.04 -25.16
CA ALA A 640 -16.67 7.00 -26.40
C ALA A 640 -15.25 6.54 -26.05
N ARG A 641 -14.31 7.48 -26.16
CA ARG A 641 -12.91 7.27 -25.78
C ARG A 641 -12.19 6.12 -26.48
N THR A 642 -12.75 5.63 -27.58
CA THR A 642 -12.12 4.58 -28.37
C THR A 642 -11.05 5.23 -29.22
N GLU A 643 -11.37 6.43 -29.70
CA GLU A 643 -10.45 7.23 -30.49
C GLU A 643 -9.38 7.81 -29.57
N ARG A 644 -8.14 7.82 -30.03
CA ARG A 644 -7.04 8.35 -29.24
C ARG A 644 -7.12 9.83 -28.97
N GLN A 645 -7.64 10.62 -29.91
CA GLN A 645 -7.71 12.05 -29.63
C GLN A 645 -8.79 12.31 -28.57
N HIS A 646 -9.48 11.26 -28.14
CA HIS A 646 -10.49 11.46 -27.11
C HIS A 646 -9.82 11.32 -25.75
N ARG A 647 -8.68 12.01 -25.64
CA ARG A 647 -7.99 12.27 -24.39
C ARG A 647 -8.68 13.49 -23.78
N GLN A 648 -9.65 13.98 -24.54
CA GLN A 648 -10.58 15.02 -24.14
C GLN A 648 -11.36 14.61 -22.91
N MET A 649 -11.59 13.32 -22.76
CA MET A 649 -12.25 12.76 -21.59
C MET A 649 -11.38 12.93 -20.35
N ALA A 650 -10.10 12.62 -20.49
CA ALA A 650 -9.17 12.70 -19.37
C ALA A 650 -9.06 14.14 -18.87
N ILE A 651 -9.15 15.10 -19.78
CA ILE A 651 -9.06 16.52 -19.42
C ILE A 651 -10.16 16.95 -18.46
N HIS A 652 -11.41 16.59 -18.75
CA HIS A 652 -12.53 16.95 -17.88
C HIS A 652 -12.46 16.18 -16.56
N LYS A 653 -11.96 14.95 -16.63
CA LYS A 653 -11.75 14.15 -15.43
C LYS A 653 -10.66 14.77 -14.57
N ARG A 654 -9.65 15.32 -15.23
CA ARG A 654 -8.50 15.93 -14.56
C ARG A 654 -8.89 17.25 -13.90
N PHE A 655 -9.74 18.03 -14.57
CA PHE A 655 -10.16 19.30 -14.02
C PHE A 655 -11.10 19.09 -12.83
N PHE A 656 -11.90 18.03 -12.89
CA PHE A 656 -12.77 17.64 -11.78
C PHE A 656 -11.92 17.30 -10.56
N THR A 657 -10.83 16.58 -10.81
CA THR A 657 -9.94 16.14 -9.74
C THR A 657 -9.19 17.30 -9.10
N SER A 658 -8.77 18.26 -9.92
CA SER A 658 -8.05 19.44 -9.42
C SER A 658 -8.90 20.28 -8.49
N LEU A 659 -10.21 20.32 -8.75
CA LEU A 659 -11.14 21.02 -7.88
C LEU A 659 -11.16 20.39 -6.49
N VAL A 660 -11.17 19.06 -6.46
CA VAL A 660 -11.12 18.30 -5.22
C VAL A 660 -9.83 18.56 -4.45
N LEU A 661 -8.72 18.61 -5.18
CA LEU A 661 -7.43 18.86 -4.57
C LEU A 661 -7.34 20.29 -4.07
N LEU A 662 -8.11 21.18 -4.70
CA LEU A 662 -8.11 22.59 -4.30
C LEU A 662 -8.76 22.75 -2.94
N ASP A 663 -9.91 22.14 -2.74
CA ASP A 663 -10.58 22.19 -1.44
C ASP A 663 -9.75 21.47 -0.38
N LEU A 664 -9.04 20.43 -0.80
CA LEU A 664 -8.25 19.61 0.12
C LEU A 664 -7.11 20.41 0.75
N ILE A 665 -6.44 21.23 -0.06
CA ILE A 665 -5.36 22.07 0.45
C ILE A 665 -5.91 23.40 0.96
N SER A 666 -7.23 23.56 0.87
CA SER A 666 -7.91 24.71 1.44
C SER A 666 -8.51 24.34 2.79
N GLU A 667 -8.09 23.18 3.29
CA GLU A 667 -8.48 22.67 4.61
C GLU A 667 -10.00 22.51 4.78
N VAL A 668 -10.68 22.14 3.70
CA VAL A 668 -12.09 21.78 3.75
C VAL A 668 -12.29 20.38 4.30
N PRO A 669 -13.18 20.23 5.31
CA PRO A 669 -13.47 18.95 5.99
C PRO A 669 -13.73 17.82 5.00
N LEU A 670 -13.30 16.61 5.35
CA LEU A 670 -13.46 15.44 4.47
C LEU A 670 -14.94 15.17 4.25
N ARG A 671 -15.76 15.52 5.22
CA ARG A 671 -17.19 15.29 5.10
C ARG A 671 -17.91 16.22 4.12
N GLU A 672 -17.46 17.46 4.06
CA GLU A 672 -18.00 18.41 3.09
C GLU A 672 -17.67 18.02 1.64
N ILE A 673 -16.42 17.64 1.47
CA ILE A 673 -15.92 17.22 0.17
C ILE A 673 -16.61 15.96 -0.34
N ASN A 674 -16.96 15.07 0.57
CA ASN A 674 -17.68 13.86 0.21
C ASN A 674 -19.09 14.16 -0.27
N GLN A 675 -19.78 15.04 0.43
CA GLN A 675 -21.15 15.41 0.08
C GLN A 675 -21.17 16.30 -1.16
N LYS A 676 -20.14 17.13 -1.31
CA LYS A 676 -20.10 18.09 -2.43
C LYS A 676 -19.84 17.41 -3.75
N TYR A 677 -18.95 16.43 -3.76
CA TYR A 677 -18.54 15.80 -5.01
C TYR A 677 -19.15 14.40 -5.13
N GLY A 678 -19.32 13.69 -4.03
CA GLY A 678 -19.93 12.40 -4.14
C GLY A 678 -18.91 11.28 -4.19
N CYS A 679 -17.84 11.46 -3.45
CA CYS A 679 -16.79 10.42 -3.40
C CYS A 679 -16.47 10.13 -1.93
N ASN A 680 -16.11 8.88 -1.64
CA ASN A 680 -15.84 8.54 -0.26
C ASN A 680 -14.48 8.99 0.18
N ARG A 681 -14.28 8.96 1.48
CA ARG A 681 -13.06 9.46 2.10
C ARG A 681 -11.89 8.56 1.75
N GLY A 682 -12.18 7.32 1.35
CA GLY A 682 -11.14 6.41 0.95
C GLY A 682 -10.53 6.81 -0.38
N GLN A 683 -11.40 7.17 -1.33
CA GLN A 683 -10.95 7.61 -2.65
C GLN A 683 -10.19 8.93 -2.64
N ILE A 684 -10.55 9.82 -1.70
CA ILE A 684 -9.90 11.13 -1.59
C ILE A 684 -8.47 11.00 -1.08
N GLN A 685 -8.33 10.26 0.01
CA GLN A 685 -7.05 10.06 0.67
C GLN A 685 -6.06 9.31 -0.24
N SER A 686 -6.58 8.39 -1.05
CA SER A 686 -5.77 7.63 -2.01
C SER A 686 -5.30 8.52 -3.15
N LEU A 687 -6.09 9.53 -3.44
CA LEU A 687 -5.83 10.50 -4.48
C LEU A 687 -4.75 11.50 -4.09
N GLN A 688 -4.81 11.98 -2.85
CA GLN A 688 -3.84 12.98 -2.38
C GLN A 688 -2.44 12.40 -2.26
N GLN A 689 -2.35 11.12 -1.86
CA GLN A 689 -1.05 10.48 -1.76
C GLN A 689 -0.46 10.23 -3.14
N SER A 690 -1.34 10.14 -4.13
CA SER A 690 -0.92 9.99 -5.53
C SER A 690 -0.47 11.31 -6.11
N ALA A 691 -1.18 12.38 -5.77
CA ALA A 691 -0.88 13.71 -6.29
C ALA A 691 0.33 14.32 -5.61
N ALA A 692 0.56 13.95 -4.36
CA ALA A 692 1.73 14.42 -3.62
C ALA A 692 3.00 13.90 -4.30
N VAL A 693 2.97 12.63 -4.68
CA VAL A 693 4.10 12.01 -5.36
C VAL A 693 4.30 12.59 -6.76
N TYR A 694 3.21 12.72 -7.50
CA TYR A 694 3.26 13.25 -8.86
C TYR A 694 3.75 14.70 -8.89
N ALA A 695 3.33 15.48 -7.90
CA ALA A 695 3.76 16.87 -7.79
C ALA A 695 5.27 16.99 -7.62
N GLY A 696 5.86 16.05 -6.90
CA GLY A 696 7.30 16.03 -6.71
C GLY A 696 8.02 15.71 -8.00
N MET A 697 7.41 14.83 -8.81
CA MET A 697 7.98 14.43 -10.08
C MET A 697 8.04 15.60 -11.05
N ILE A 698 6.92 16.30 -11.20
CA ILE A 698 6.84 17.43 -12.11
C ILE A 698 7.77 18.57 -11.67
N THR A 699 8.00 18.69 -10.36
CA THR A 699 8.92 19.70 -9.84
C THR A 699 10.36 19.38 -10.23
N VAL A 700 10.75 18.11 -10.07
CA VAL A 700 12.08 17.65 -10.45
C VAL A 700 12.25 17.77 -11.96
N PHE A 701 11.21 17.38 -12.69
CA PHE A 701 11.24 17.46 -14.15
C PHE A 701 11.48 18.89 -14.60
N SER A 702 10.88 19.87 -13.90
CA SER A 702 11.05 21.27 -14.24
C SER A 702 12.42 21.79 -13.85
N ASN A 703 13.00 21.22 -12.79
CA ASN A 703 14.30 21.65 -12.32
C ASN A 703 15.42 21.18 -13.24
N ARG A 704 15.27 19.99 -13.80
CA ARG A 704 16.31 19.42 -14.65
C ARG A 704 16.27 20.02 -16.05
N LEU A 705 15.17 20.68 -16.38
CA LEU A 705 15.02 21.33 -17.67
C LEU A 705 15.39 22.81 -17.61
N GLY A 706 15.65 23.31 -16.40
CA GLY A 706 16.05 24.69 -16.23
C GLY A 706 14.89 25.66 -16.12
N TRP A 707 13.68 25.11 -16.09
CA TRP A 707 12.48 25.93 -15.94
C TRP A 707 12.34 26.40 -14.51
N HIS A 708 13.05 27.47 -14.16
CA HIS A 708 13.12 27.95 -12.78
C HIS A 708 11.80 28.57 -12.34
N ASN A 709 11.21 29.40 -13.21
CA ASN A 709 9.97 30.07 -12.87
C ASN A 709 8.86 29.07 -12.58
N MET A 710 8.78 28.04 -13.41
CA MET A 710 7.78 26.98 -13.22
C MET A 710 8.07 26.14 -11.98
N GLU A 711 9.34 25.80 -11.77
CA GLU A 711 9.75 25.03 -10.60
C GLU A 711 9.42 25.77 -9.31
N LEU A 712 9.61 27.08 -9.34
CA LEU A 712 9.43 27.95 -8.18
C LEU A 712 7.98 27.88 -7.68
N LEU A 713 7.04 27.83 -8.63
CA LEU A 713 5.62 27.79 -8.31
C LEU A 713 5.19 26.43 -7.79
N LEU A 714 5.75 25.36 -8.36
CA LEU A 714 5.35 23.99 -8.03
C LEU A 714 5.90 23.47 -6.70
N SER A 715 7.03 24.02 -6.26
CA SER A 715 7.76 23.45 -5.14
C SER A 715 7.08 23.59 -3.78
N GLN A 716 5.86 24.09 -3.75
CA GLN A 716 5.16 24.27 -2.49
C GLN A 716 3.93 23.40 -2.35
N PHE A 717 3.59 22.64 -3.40
CA PHE A 717 2.34 21.89 -3.40
C PHE A 717 2.51 20.42 -3.05
N GLN A 718 3.75 19.92 -3.04
CA GLN A 718 3.96 18.54 -2.63
C GLN A 718 3.65 18.35 -1.16
N LYS A 719 4.09 19.30 -0.34
CA LYS A 719 3.89 19.24 1.10
C LYS A 719 2.45 19.56 1.46
N ARG A 720 1.84 20.45 0.69
CA ARG A 720 0.47 20.85 0.94
C ARG A 720 -0.54 19.79 0.53
N LEU A 721 -0.23 19.04 -0.54
CA LEU A 721 -1.11 17.97 -0.99
C LEU A 721 -1.02 16.79 -0.03
N THR A 722 0.16 16.58 0.53
CA THR A 722 0.37 15.46 1.45
C THR A 722 -0.53 15.54 2.69
N PHE A 723 -0.46 16.66 3.41
CA PHE A 723 -1.19 16.81 4.66
C PHE A 723 -2.55 17.45 4.40
N GLY A 724 -2.70 18.11 3.26
CA GLY A 724 -3.94 18.80 2.95
C GLY A 724 -4.09 20.08 3.75
N ILE A 725 -3.09 20.95 3.65
CA ILE A 725 -3.00 22.17 4.43
C ILE A 725 -2.72 23.41 3.60
N GLN A 726 -2.81 24.58 4.22
CA GLN A 726 -2.40 25.84 3.60
C GLN A 726 -0.95 26.16 3.97
N ARG A 727 -0.38 27.19 3.36
CA ARG A 727 1.04 27.50 3.55
C ARG A 727 1.46 27.74 5.00
N GLU A 728 0.54 28.21 5.84
CA GLU A 728 0.89 28.58 7.21
C GLU A 728 1.24 27.37 8.08
N LEU A 729 0.61 26.24 7.79
CA LEU A 729 0.76 25.05 8.61
C LEU A 729 1.93 24.16 8.20
N CYS A 730 2.66 24.58 7.16
CA CYS A 730 3.77 23.79 6.63
C CYS A 730 4.86 23.56 7.67
N ASP A 731 5.01 24.50 8.59
CA ASP A 731 6.04 24.40 9.61
C ASP A 731 5.62 23.50 10.77
N LEU A 732 4.36 23.58 11.17
CA LEU A 732 3.85 22.80 12.29
C LEU A 732 3.87 21.31 11.98
N VAL A 733 3.52 20.96 10.75
CA VAL A 733 3.35 19.55 10.37
C VAL A 733 4.68 18.79 10.30
N ARG A 734 5.79 19.46 10.58
CA ARG A 734 7.07 18.78 10.66
C ARG A 734 7.08 17.85 11.87
N VAL A 735 6.34 18.21 12.90
CA VAL A 735 6.17 17.33 14.05
C VAL A 735 5.37 16.10 13.59
N SER A 736 5.79 14.92 14.04
CA SER A 736 5.22 13.66 13.57
C SER A 736 3.74 13.51 13.90
N LEU A 737 3.35 13.90 15.11
CA LEU A 737 1.99 13.70 15.61
C LEU A 737 1.01 14.73 15.08
N LEU A 738 1.52 15.81 14.51
CA LEU A 738 0.67 16.90 14.03
C LEU A 738 0.19 16.72 12.59
N ASN A 739 -1.11 16.50 12.43
CA ASN A 739 -1.72 16.46 11.11
C ASN A 739 -2.40 17.79 10.82
N ALA A 740 -3.31 17.83 9.84
CA ALA A 740 -3.95 19.08 9.44
C ALA A 740 -4.79 19.73 10.53
N GLN A 741 -5.64 18.93 11.17
CA GLN A 741 -6.56 19.44 12.19
C GLN A 741 -5.86 19.95 13.45
N ARG A 742 -4.91 19.17 13.94
CA ARG A 742 -4.18 19.54 15.15
C ARG A 742 -3.30 20.76 14.90
N ALA A 743 -2.81 20.89 13.67
CA ALA A 743 -1.97 22.01 13.31
C ALA A 743 -2.78 23.30 13.27
N ARG A 744 -4.03 23.19 12.84
CA ARG A 744 -4.88 24.37 12.70
C ARG A 744 -5.27 24.94 14.06
N VAL A 745 -5.69 24.07 14.97
CA VAL A 745 -6.14 24.51 16.29
C VAL A 745 -4.98 25.03 17.14
N LEU A 746 -3.78 24.55 16.88
CA LEU A 746 -2.60 25.05 17.58
C LEU A 746 -2.16 26.37 16.96
N TYR A 747 -2.45 26.54 15.68
CA TYR A 747 -2.15 27.78 14.98
C TYR A 747 -3.12 28.86 15.43
N ALA A 748 -4.38 28.49 15.56
CA ALA A 748 -5.41 29.44 15.94
C ALA A 748 -5.35 29.79 17.43
N SER A 749 -4.43 29.16 18.15
CA SER A 749 -4.31 29.38 19.59
C SER A 749 -3.00 30.06 19.97
N GLY A 750 -2.22 30.46 18.97
CA GLY A 750 -1.01 31.22 19.22
C GLY A 750 0.28 30.52 18.85
N PHE A 751 0.22 29.22 18.62
CA PHE A 751 1.41 28.46 18.26
C PHE A 751 1.50 28.30 16.75
N HIS A 752 2.33 29.14 16.13
CA HIS A 752 2.44 29.18 14.67
C HIS A 752 3.61 28.36 14.17
N THR A 753 4.65 28.25 14.99
CA THR A 753 5.87 27.57 14.58
C THR A 753 6.31 26.51 15.59
N VAL A 754 7.28 25.70 15.19
CA VAL A 754 7.89 24.73 16.10
C VAL A 754 8.56 25.46 17.25
N ALA A 755 9.14 26.62 16.93
CA ALA A 755 9.79 27.46 17.92
C ALA A 755 8.79 27.91 18.98
N ASP A 756 7.58 28.27 18.54
CA ASP A 756 6.54 28.65 19.48
C ASP A 756 6.05 27.44 20.23
N LEU A 757 6.24 26.27 19.64
CA LEU A 757 5.72 25.04 20.23
C LEU A 757 6.70 24.39 21.19
N ALA A 758 7.99 24.75 21.10
CA ALA A 758 8.96 24.19 22.04
C ALA A 758 8.96 24.88 23.41
N ARG A 759 8.68 26.18 23.45
CA ARG A 759 8.59 26.90 24.72
C ARG A 759 7.25 26.64 25.39
N ALA A 760 6.37 25.97 24.66
CA ALA A 760 4.97 25.79 25.06
C ALA A 760 4.82 24.99 26.34
N ASN A 761 3.80 25.35 27.12
CA ASN A 761 3.37 24.57 28.26
C ASN A 761 2.53 23.36 27.86
N ILE A 762 2.96 22.19 28.30
CA ILE A 762 2.35 20.93 27.92
C ILE A 762 0.84 20.86 28.17
N VAL A 763 0.43 21.20 29.38
CA VAL A 763 -0.98 21.07 29.77
C VAL A 763 -1.85 22.01 28.95
N GLU A 764 -1.25 23.06 28.38
CA GLU A 764 -1.98 23.98 27.51
C GLU A 764 -2.23 23.38 26.14
N VAL A 765 -1.22 22.66 25.64
CA VAL A 765 -1.33 21.96 24.37
C VAL A 765 -2.41 20.89 24.47
N GLU A 766 -2.43 20.19 25.60
CA GLU A 766 -3.42 19.16 25.87
C GLU A 766 -4.84 19.71 25.76
N VAL A 767 -5.05 20.90 26.32
CA VAL A 767 -6.36 21.54 26.32
C VAL A 767 -6.80 21.94 24.91
N ILE A 768 -5.87 22.50 24.14
CA ILE A 768 -6.12 22.89 22.75
C ILE A 768 -6.49 21.70 21.86
N LEU A 769 -5.83 20.57 22.10
CA LEU A 769 -6.13 19.32 21.39
C LEU A 769 -7.55 18.84 21.64
N LYS A 770 -7.99 18.94 22.89
CA LYS A 770 -9.34 18.56 23.28
C LYS A 770 -10.38 19.35 22.50
N ASN A 771 -10.00 20.49 21.96
CA ASN A 771 -10.92 21.34 21.23
C ASN A 771 -11.12 21.01 19.75
N ALA A 772 -10.24 20.20 19.17
CA ALA A 772 -10.32 19.90 17.74
C ALA A 772 -11.21 18.69 17.40
N VAL A 773 -11.67 18.01 18.44
CA VAL A 773 -12.48 16.80 18.32
C VAL A 773 -13.94 17.00 17.84
N PRO A 774 -14.41 16.10 16.95
CA PRO A 774 -15.76 16.08 16.38
C PRO A 774 -16.71 15.21 17.22
N PHE A 775 -17.79 15.79 17.71
CA PHE A 775 -18.82 15.04 18.45
C PHE A 775 -20.20 15.09 17.78
N LYS A 776 -20.98 14.03 17.94
CA LYS A 776 -22.33 13.96 17.35
C LYS A 776 -23.33 14.99 17.88
N SER A 777 -23.29 15.28 19.18
CA SER A 777 -24.14 16.32 19.76
C SER A 777 -23.31 17.61 19.67
N ALA A 778 -23.94 18.77 19.77
CA ALA A 778 -23.17 20.02 19.64
C ALA A 778 -22.30 20.23 20.88
N ARG A 779 -21.33 19.33 21.02
CA ARG A 779 -20.35 19.32 22.10
C ARG A 779 -19.18 20.29 21.97
N LYS A 780 -18.36 20.03 20.96
CA LYS A 780 -17.19 20.86 20.68
C LYS A 780 -16.76 20.72 19.22
N GLU A 787 -20.33 14.50 34.35
CA GLU A 787 -19.83 13.55 35.33
C GLU A 787 -18.34 13.75 35.53
N ALA A 788 -17.91 13.98 36.77
CA ALA A 788 -16.48 14.11 37.00
C ALA A 788 -15.92 12.71 36.94
N VAL A 789 -15.19 12.42 35.87
CA VAL A 789 -14.62 11.11 35.68
C VAL A 789 -13.12 11.13 35.91
N GLU A 790 -12.68 10.59 37.04
CA GLU A 790 -11.26 10.57 37.27
C GLU A 790 -10.76 9.21 36.78
N GLU A 791 -11.58 8.55 35.96
CA GLU A 791 -11.15 7.30 35.37
C GLU A 791 -10.71 7.49 33.92
N ARG A 792 -10.85 8.70 33.38
CA ARG A 792 -10.42 8.86 32.00
C ARG A 792 -9.07 9.56 31.96
N ARG A 793 -8.40 9.62 33.11
CA ARG A 793 -7.12 10.31 33.18
C ARG A 793 -6.08 9.43 32.51
N ASN A 794 -6.45 8.17 32.32
CA ASN A 794 -5.58 7.17 31.72
C ASN A 794 -6.05 6.55 30.40
N MET A 795 -7.21 6.97 29.91
CA MET A 795 -7.74 6.44 28.64
C MET A 795 -6.86 6.77 27.44
N ARG A 796 -6.36 5.73 26.78
CA ARG A 796 -5.54 5.94 25.59
C ARG A 796 -6.47 6.11 24.39
N THR A 797 -6.69 7.37 24.01
CA THR A 797 -7.70 7.71 23.00
C THR A 797 -7.06 8.35 21.78
N ILE A 798 -5.73 8.32 21.72
CA ILE A 798 -4.98 8.86 20.60
C ILE A 798 -4.10 7.81 19.93
N TRP A 799 -4.29 7.65 18.62
CA TRP A 799 -3.62 6.65 17.82
C TRP A 799 -2.32 7.14 17.18
N VAL A 800 -1.34 6.23 17.09
CA VAL A 800 -0.09 6.55 16.42
C VAL A 800 0.31 5.44 15.44
N THR A 801 1.48 5.57 14.85
CA THR A 801 2.06 4.56 13.96
C THR A 801 3.14 3.73 14.66
N GLY A 802 3.04 2.40 14.61
CA GLY A 802 3.90 1.57 15.42
C GLY A 802 3.60 1.94 16.85
N ARG A 803 2.33 1.81 17.19
CA ARG A 803 1.78 2.53 18.33
C ARG A 803 1.61 1.80 19.65
N LYS A 804 1.95 2.56 20.67
CA LYS A 804 1.46 2.40 22.01
C LYS A 804 0.28 3.35 22.09
N GLY A 805 -0.75 2.97 22.84
CA GLY A 805 -1.89 3.84 23.01
C GLY A 805 -1.50 5.14 23.68
N LEU A 806 -1.82 6.28 23.07
CA LEU A 806 -1.47 7.52 23.74
C LEU A 806 -2.67 8.23 24.32
N THR A 807 -2.50 8.69 25.56
CA THR A 807 -3.47 9.55 26.22
C THR A 807 -3.33 10.95 25.67
N GLU A 808 -4.35 11.79 25.88
CA GLU A 808 -4.31 13.16 25.42
C GLU A 808 -3.20 13.96 26.09
N ARG A 809 -2.80 13.52 27.28
CA ARG A 809 -1.71 14.16 28.00
C ARG A 809 -0.34 13.76 27.44
N GLU A 810 -0.12 12.47 27.25
CA GLU A 810 1.17 11.98 26.72
C GLU A 810 1.40 12.48 25.30
N ALA A 811 0.35 12.55 24.50
CA ALA A 811 0.48 13.04 23.14
C ALA A 811 0.91 14.49 23.15
N ALA A 812 0.33 15.27 24.05
CA ALA A 812 0.68 16.69 24.18
C ALA A 812 2.14 16.83 24.59
N ALA A 813 2.56 15.99 25.53
CA ALA A 813 3.93 16.00 26.05
C ALA A 813 4.96 15.53 25.02
N LEU A 814 4.53 14.64 24.13
CA LEU A 814 5.40 14.14 23.07
C LEU A 814 5.62 15.19 22.00
N ILE A 815 4.55 15.93 21.68
CA ILE A 815 4.60 17.00 20.69
C ILE A 815 5.55 18.11 21.13
N VAL A 816 5.49 18.50 22.39
CA VAL A 816 6.39 19.54 22.89
C VAL A 816 7.83 19.02 22.96
N GLU A 817 8.00 17.77 23.37
CA GLU A 817 9.33 17.15 23.42
C GLU A 817 9.95 17.04 22.01
N GLU A 818 9.13 16.64 21.05
CA GLU A 818 9.60 16.51 19.67
C GLU A 818 9.92 17.86 19.04
N ALA A 819 9.13 18.87 19.38
CA ALA A 819 9.32 20.23 18.87
C ALA A 819 10.68 20.78 19.31
N ARG A 820 11.05 20.44 20.55
CA ARG A 820 12.32 20.86 21.13
C ARG A 820 13.51 20.18 20.47
N MET A 821 13.34 18.90 20.18
CA MET A 821 14.41 18.12 19.54
C MET A 821 14.70 18.60 18.11
N ILE A 822 13.66 19.04 17.40
CA ILE A 822 13.82 19.57 16.05
C ILE A 822 14.47 20.95 15.99
N LEU A 823 14.08 21.82 16.92
CA LEU A 823 14.57 23.19 17.02
C LEU A 823 16.09 23.28 17.26
N GLN A 824 16.61 22.31 18.01
CA GLN A 824 18.03 22.27 18.32
C GLN A 824 18.85 21.80 17.13
N GLN A 825 18.29 20.89 16.34
CA GLN A 825 18.97 20.41 15.15
C GLN A 825 19.00 21.48 14.05
N ASP A 826 18.20 22.53 14.20
CA ASP A 826 18.19 23.62 13.22
C ASP A 826 19.31 24.66 13.39
N LEU A 827 20.14 24.49 14.40
CA LEU A 827 21.22 25.46 14.69
C LEU A 827 22.58 24.78 14.77
#